data_3L6Q
#
_entry.id   3L6Q
#
_cell.length_a   71.089
_cell.length_b   83.078
_cell.length_c   131.248
_cell.angle_alpha   90.000
_cell.angle_beta   90.000
_cell.angle_gamma   90.000
#
_symmetry.space_group_name_H-M   'P 21 21 21'
#
loop_
_entity.id
_entity.type
_entity.pdbx_description
1 polymer 'Heat shock 70 (HSP70) protein'
2 non-polymer 'SULFATE ION'
3 non-polymer 'MAGNESIUM ION'
4 water water
#
_entity_poly.entity_id   1
_entity_poly.type   'polypeptide(L)'
_entity_poly.pdbx_seq_one_letter_code
;MHHHHHHSSGRENLYFQGGPAIGIDLGTTYSCVGVWRNDTVDIVPNDQGNRTTPSYVAFTETERLIGDAAKNQVARNPEN
TVFDAKRLIGRKFDDQAVQSDMTHWPFKVVRGPKDKPIISVNYLGEKKEFHAEEISAMVLQKMKEISEAYLGRQIKNAVV
TVPAYFNDSQRQATKDAGAIAGLNVMRIINEPTAAAIAYGLDKKGTGERNVLIFDLGGGTFDVSLLTIEDGIFEVKATAG
DTHLGGEDFDNRLVEFCVQDFKRKNRGMDLTTNARALRRLRTQCERAKRTLSSSTQATIELDSLYEGIDYSVAISRARFE
ELCADYFRATLAPVEKVLKDAGMDKRSVHDVVLVGGSTRIPKVQALIQEFFNGKEPCKAINPDEAVAYGAAVQAAILNGE
;
_entity_poly.pdbx_strand_id   A,B
#
loop_
_chem_comp.id
_chem_comp.type
_chem_comp.name
_chem_comp.formula
MG non-polymer 'MAGNESIUM ION' 'Mg 2'
SO4 non-polymer 'SULFATE ION' 'O4 S -2'
#
# COMPACT_ATOMS: atom_id res chain seq x y z
N GLY A 18 -3.43 -24.23 -5.72
CA GLY A 18 -4.37 -23.44 -6.51
C GLY A 18 -3.98 -21.98 -6.61
N GLY A 19 -4.12 -21.42 -7.80
CA GLY A 19 -3.76 -20.03 -8.11
C GLY A 19 -4.69 -18.98 -7.52
N PRO A 20 -4.23 -17.71 -7.39
CA PRO A 20 -5.13 -16.68 -6.86
C PRO A 20 -6.14 -16.23 -7.91
N ALA A 21 -7.24 -15.65 -7.44
CA ALA A 21 -8.29 -15.14 -8.29
C ALA A 21 -8.17 -13.63 -8.31
N ILE A 22 -8.40 -13.05 -9.48
CA ILE A 22 -8.30 -11.60 -9.64
C ILE A 22 -9.64 -10.88 -9.74
N GLY A 23 -9.68 -9.67 -9.18
CA GLY A 23 -10.83 -8.79 -9.29
C GLY A 23 -10.59 -7.78 -10.40
N ILE A 24 -11.48 -7.77 -11.40
CA ILE A 24 -11.32 -6.88 -12.55
C ILE A 24 -12.37 -5.80 -12.69
N ASP A 25 -11.92 -4.55 -12.72
CA ASP A 25 -12.77 -3.40 -12.99
C ASP A 25 -12.58 -3.11 -14.47
N LEU A 26 -13.50 -3.61 -15.31
CA LEU A 26 -13.47 -3.40 -16.75
C LEU A 26 -14.24 -2.09 -16.99
N GLY A 27 -13.49 -1.00 -17.00
CA GLY A 27 -14.04 0.35 -17.11
C GLY A 27 -14.19 0.86 -18.50
N THR A 28 -15.02 1.89 -18.64
CA THR A 28 -15.30 2.58 -19.91
C THR A 28 -14.04 3.15 -20.53
N THR A 29 -13.30 3.93 -19.73
CA THR A 29 -12.07 4.60 -20.18
C THR A 29 -10.81 3.95 -19.65
N TYR A 30 -10.89 3.31 -18.48
CA TYR A 30 -9.75 2.69 -17.83
C TYR A 30 -10.16 1.41 -17.15
N SER A 31 -9.24 0.44 -17.12
CA SER A 31 -9.43 -0.84 -16.46
C SER A 31 -8.39 -0.98 -15.38
N CYS A 32 -8.74 -1.68 -14.32
CA CYS A 32 -7.93 -1.85 -13.12
C CYS A 32 -8.11 -3.27 -12.62
N VAL A 33 -7.03 -3.88 -12.18
CA VAL A 33 -7.09 -5.24 -11.64
C VAL A 33 -6.42 -5.32 -10.26
N GLY A 34 -7.07 -6.03 -9.36
CA GLY A 34 -6.56 -6.25 -8.03
C GLY A 34 -6.55 -7.71 -7.61
N VAL A 35 -5.71 -8.03 -6.60
CA VAL A 35 -5.55 -9.37 -6.03
C VAL A 35 -5.55 -9.23 -4.54
N TRP A 36 -6.33 -10.09 -3.87
CA TRP A 36 -6.32 -10.11 -2.43
C TRP A 36 -5.19 -11.05 -2.00
N ARG A 37 -4.30 -10.56 -1.14
CA ARG A 37 -3.15 -11.29 -0.57
C ARG A 37 -2.57 -10.49 0.56
N ASN A 38 -2.04 -11.18 1.58
CA ASN A 38 -1.37 -10.60 2.75
C ASN A 38 -2.16 -9.52 3.47
N ASP A 39 -3.46 -9.79 3.72
CA ASP A 39 -4.34 -8.92 4.49
C ASP A 39 -4.68 -7.59 3.78
N THR A 40 -4.50 -7.54 2.45
CA THR A 40 -4.83 -6.36 1.62
C THR A 40 -5.12 -6.73 0.20
N VAL A 41 -5.47 -5.71 -0.60
CA VAL A 41 -5.63 -5.84 -2.02
C VAL A 41 -4.39 -5.21 -2.65
N ASP A 42 -3.70 -5.96 -3.52
CA ASP A 42 -2.62 -5.40 -4.30
C ASP A 42 -3.17 -5.06 -5.68
N ILE A 43 -3.07 -3.79 -6.09
CA ILE A 43 -3.51 -3.33 -7.39
C ILE A 43 -2.39 -3.64 -8.34
N VAL A 44 -2.69 -4.45 -9.37
CA VAL A 44 -1.70 -4.91 -10.32
C VAL A 44 -1.14 -3.80 -11.21
N PRO A 45 0.20 -3.59 -11.19
CA PRO A 45 0.79 -2.60 -12.09
C PRO A 45 0.97 -3.19 -13.50
N ASN A 46 0.82 -2.36 -14.54
CA ASN A 46 1.05 -2.84 -15.89
C ASN A 46 2.53 -2.76 -16.23
N ASP A 47 2.86 -2.93 -17.53
CA ASP A 47 4.24 -2.90 -18.05
C ASP A 47 5.05 -1.67 -17.64
N GLN A 48 4.39 -0.50 -17.63
CA GLN A 48 4.92 0.83 -17.34
C GLN A 48 4.82 1.21 -15.84
N GLY A 49 4.24 0.32 -15.03
CA GLY A 49 4.06 0.56 -13.59
C GLY A 49 2.76 1.24 -13.23
N ASN A 50 1.84 1.37 -14.21
CA ASN A 50 0.58 2.05 -13.92
C ASN A 50 -0.44 1.13 -13.30
N ARG A 51 -1.21 1.65 -12.35
CA ARG A 51 -2.22 0.93 -11.59
C ARG A 51 -3.56 0.86 -12.34
N THR A 52 -3.74 1.71 -13.35
CA THR A 52 -4.89 1.68 -14.24
C THR A 52 -4.35 1.59 -15.70
N THR A 53 -5.13 1.01 -16.60
CA THR A 53 -4.77 0.81 -18.02
C THR A 53 -5.90 1.30 -18.91
N PRO A 54 -5.61 2.18 -19.91
CA PRO A 54 -6.68 2.65 -20.82
C PRO A 54 -7.46 1.52 -21.51
N SER A 55 -8.79 1.62 -21.57
CA SER A 55 -9.58 0.57 -22.24
C SER A 55 -9.56 0.84 -23.77
N TYR A 56 -8.36 0.77 -24.34
CA TYR A 56 -8.06 1.10 -25.73
C TYR A 56 -7.37 -0.03 -26.44
N VAL A 57 -7.76 -0.24 -27.71
CA VAL A 57 -7.17 -1.24 -28.60
C VAL A 57 -6.93 -0.56 -29.94
N ALA A 58 -5.74 -0.71 -30.52
CA ALA A 58 -5.42 -0.11 -31.81
C ALA A 58 -4.94 -1.17 -32.80
N PHE A 59 -5.26 -0.99 -34.07
CA PHE A 59 -4.86 -1.92 -35.12
C PHE A 59 -4.07 -1.18 -36.20
N THR A 60 -2.86 -1.71 -36.54
CA THR A 60 -2.00 -1.11 -37.56
C THR A 60 -1.75 -2.15 -38.66
N GLU A 61 -0.90 -1.81 -39.63
CA GLU A 61 -0.52 -2.68 -40.75
C GLU A 61 0.38 -3.81 -40.24
N THR A 62 0.99 -3.66 -39.05
CA THR A 62 1.96 -4.66 -38.57
C THR A 62 1.69 -5.24 -37.19
N GLU A 63 0.84 -4.57 -36.38
CA GLU A 63 0.56 -4.99 -35.03
C GLU A 63 -0.77 -4.49 -34.47
N ARG A 64 -1.12 -5.00 -33.29
CA ARG A 64 -2.23 -4.50 -32.51
C ARG A 64 -1.61 -4.01 -31.18
N LEU A 65 -2.16 -2.95 -30.62
CA LEU A 65 -1.69 -2.37 -29.37
C LEU A 65 -2.86 -2.31 -28.43
N ILE A 66 -2.60 -2.53 -27.14
CA ILE A 66 -3.59 -2.49 -26.08
C ILE A 66 -3.16 -1.48 -25.03
N GLY A 67 -4.13 -0.84 -24.36
CA GLY A 67 -3.90 0.10 -23.26
C GLY A 67 -3.11 1.33 -23.57
N ASP A 68 -2.03 1.57 -22.79
CA ASP A 68 -1.16 2.73 -22.96
C ASP A 68 -0.57 2.88 -24.34
N ALA A 69 0.06 1.82 -24.89
CA ALA A 69 0.63 1.85 -26.24
C ALA A 69 -0.44 2.19 -27.28
N ALA A 70 -1.69 1.70 -27.07
CA ALA A 70 -2.83 1.99 -27.93
C ALA A 70 -3.26 3.45 -27.78
N LYS A 71 -3.44 3.95 -26.53
CA LYS A 71 -3.83 5.34 -26.31
C LYS A 71 -2.73 6.33 -26.78
N ASN A 72 -1.44 5.96 -26.63
CA ASN A 72 -0.30 6.79 -27.04
C ASN A 72 -0.23 7.16 -28.51
N GLN A 73 -0.84 6.33 -29.39
CA GLN A 73 -0.84 6.58 -30.84
C GLN A 73 -2.23 6.94 -31.38
N VAL A 74 -3.18 7.24 -30.48
CA VAL A 74 -4.56 7.58 -30.85
C VAL A 74 -4.62 8.74 -31.87
N ALA A 75 -3.77 9.76 -31.65
CA ALA A 75 -3.63 10.94 -32.51
C ALA A 75 -3.29 10.59 -33.96
N ARG A 76 -2.36 9.62 -34.18
CA ARG A 76 -1.87 9.18 -35.49
C ARG A 76 -2.78 8.19 -36.24
N ASN A 77 -3.64 7.50 -35.52
CA ASN A 77 -4.44 6.43 -36.08
C ASN A 77 -5.88 6.46 -35.54
N PRO A 78 -6.67 7.51 -35.80
CA PRO A 78 -8.02 7.58 -35.22
C PRO A 78 -9.01 6.52 -35.71
N GLU A 79 -8.94 6.16 -37.01
CA GLU A 79 -9.84 5.19 -37.63
C GLU A 79 -9.73 3.77 -37.07
N ASN A 80 -8.52 3.38 -36.65
CA ASN A 80 -8.22 2.04 -36.17
C ASN A 80 -7.90 1.91 -34.69
N THR A 81 -8.15 2.98 -33.90
CA THR A 81 -7.97 2.98 -32.46
C THR A 81 -9.36 2.91 -31.83
N VAL A 82 -9.68 1.74 -31.26
CA VAL A 82 -10.97 1.46 -30.67
C VAL A 82 -10.94 1.74 -29.20
N PHE A 83 -11.99 2.41 -28.71
CA PHE A 83 -12.23 2.75 -27.31
C PHE A 83 -13.76 2.78 -27.09
N ASP A 84 -14.23 2.91 -25.83
CA ASP A 84 -15.66 2.99 -25.50
C ASP A 84 -16.46 1.73 -25.89
N ALA A 85 -15.80 0.55 -25.98
CA ALA A 85 -16.46 -0.71 -26.34
C ALA A 85 -17.53 -1.11 -25.33
N LYS A 86 -17.39 -0.63 -24.09
CA LYS A 86 -18.33 -0.81 -22.98
C LYS A 86 -19.70 -0.18 -23.29
N ARG A 87 -19.74 0.87 -24.12
CA ARG A 87 -20.98 1.56 -24.52
C ARG A 87 -21.71 0.76 -25.61
N LEU A 88 -21.02 -0.17 -26.25
CA LEU A 88 -21.51 -0.98 -27.37
C LEU A 88 -21.87 -2.41 -26.96
N ILE A 89 -21.15 -2.95 -25.98
CA ILE A 89 -21.27 -4.34 -25.47
C ILE A 89 -22.69 -4.77 -25.07
N GLY A 90 -23.17 -5.85 -25.66
CA GLY A 90 -24.51 -6.39 -25.41
C GLY A 90 -25.66 -5.54 -25.90
N ARG A 91 -25.36 -4.47 -26.68
CA ARG A 91 -26.38 -3.57 -27.24
C ARG A 91 -26.68 -3.90 -28.69
N LYS A 92 -27.77 -3.34 -29.22
CA LYS A 92 -28.13 -3.57 -30.61
C LYS A 92 -27.79 -2.33 -31.42
N PHE A 93 -27.48 -2.52 -32.72
CA PHE A 93 -27.07 -1.46 -33.61
C PHE A 93 -28.01 -0.27 -33.66
N ASP A 94 -29.34 -0.50 -33.80
CA ASP A 94 -30.30 0.60 -33.90
C ASP A 94 -30.68 1.24 -32.56
N ASP A 95 -30.12 0.73 -31.43
CA ASP A 95 -30.35 1.33 -30.11
C ASP A 95 -29.99 2.81 -30.20
N GLN A 96 -30.86 3.66 -29.66
CA GLN A 96 -30.72 5.12 -29.62
C GLN A 96 -29.35 5.57 -29.04
N ALA A 97 -28.92 4.96 -27.93
CA ALA A 97 -27.63 5.28 -27.31
C ALA A 97 -26.47 4.94 -28.26
N VAL A 98 -26.59 3.84 -29.02
CA VAL A 98 -25.56 3.40 -29.99
C VAL A 98 -25.46 4.38 -31.16
N GLN A 99 -26.60 4.74 -31.80
CA GLN A 99 -26.60 5.69 -32.92
C GLN A 99 -26.06 7.07 -32.50
N SER A 100 -26.37 7.49 -31.28
CA SER A 100 -25.90 8.77 -30.73
C SER A 100 -24.38 8.73 -30.47
N ASP A 101 -23.90 7.66 -29.82
CA ASP A 101 -22.48 7.44 -29.51
C ASP A 101 -21.63 7.38 -30.78
N MET A 102 -22.15 6.70 -31.82
CA MET A 102 -21.50 6.54 -33.12
C MET A 102 -21.07 7.84 -33.78
N THR A 103 -21.81 8.93 -33.54
CA THR A 103 -21.54 10.25 -34.12
C THR A 103 -20.24 10.89 -33.57
N HIS A 104 -19.77 10.42 -32.38
CA HIS A 104 -18.56 10.95 -31.77
CA HIS A 104 -18.55 10.93 -31.76
C HIS A 104 -17.39 9.94 -31.78
N TRP A 105 -17.50 8.87 -32.60
CA TRP A 105 -16.43 7.88 -32.71
C TRP A 105 -15.77 7.96 -34.06
N PRO A 106 -14.41 8.08 -34.10
CA PRO A 106 -13.70 8.14 -35.40
C PRO A 106 -13.63 6.78 -36.07
N PHE A 107 -13.87 5.68 -35.31
CA PHE A 107 -13.88 4.33 -35.85
C PHE A 107 -15.27 3.95 -36.40
N LYS A 108 -15.30 3.08 -37.42
CA LYS A 108 -16.52 2.64 -38.10
C LYS A 108 -17.29 1.55 -37.32
N VAL A 109 -18.60 1.77 -37.15
CA VAL A 109 -19.54 0.86 -36.50
C VAL A 109 -20.65 0.60 -37.49
N VAL A 110 -20.77 -0.66 -37.96
CA VAL A 110 -21.78 -1.07 -38.94
C VAL A 110 -22.76 -2.12 -38.37
N ARG A 111 -23.92 -2.28 -39.03
CA ARG A 111 -24.94 -3.24 -38.63
C ARG A 111 -24.53 -4.65 -39.08
N GLY A 112 -24.51 -5.57 -38.13
CA GLY A 112 -24.22 -6.97 -38.39
C GLY A 112 -25.48 -7.82 -38.37
N PRO A 113 -25.38 -9.14 -38.70
CA PRO A 113 -26.60 -9.98 -38.66
C PRO A 113 -27.21 -10.00 -37.26
N LYS A 114 -28.55 -10.05 -37.17
CA LYS A 114 -29.32 -10.02 -35.93
C LYS A 114 -29.15 -8.69 -35.17
N ASP A 115 -28.93 -7.58 -35.93
CA ASP A 115 -28.81 -6.21 -35.43
C ASP A 115 -27.68 -6.04 -34.39
N LYS A 116 -26.57 -6.73 -34.60
CA LYS A 116 -25.45 -6.62 -33.67
C LYS A 116 -24.42 -5.58 -34.20
N PRO A 117 -23.94 -4.63 -33.36
CA PRO A 117 -22.97 -3.65 -33.84
C PRO A 117 -21.63 -4.29 -34.18
N ILE A 118 -21.14 -3.97 -35.36
CA ILE A 118 -19.87 -4.50 -35.82
C ILE A 118 -18.85 -3.38 -35.95
N ILE A 119 -17.75 -3.51 -35.24
CA ILE A 119 -16.65 -2.58 -35.32
C ILE A 119 -15.79 -3.00 -36.52
N SER A 120 -15.62 -2.11 -37.49
CA SER A 120 -14.83 -2.34 -38.68
C SER A 120 -13.60 -1.46 -38.66
N VAL A 121 -12.40 -2.08 -38.73
CA VAL A 121 -11.09 -1.42 -38.75
C VAL A 121 -10.22 -2.05 -39.85
N ASN A 122 -9.03 -1.49 -40.06
CA ASN A 122 -8.00 -2.03 -40.95
C ASN A 122 -6.92 -2.60 -40.06
N TYR A 123 -6.58 -3.87 -40.29
CA TYR A 123 -5.63 -4.60 -39.45
C TYR A 123 -4.81 -5.52 -40.33
N LEU A 124 -3.48 -5.32 -40.29
CA LEU A 124 -2.51 -6.11 -41.06
C LEU A 124 -2.84 -6.06 -42.57
N GLY A 125 -3.12 -4.85 -43.07
CA GLY A 125 -3.44 -4.57 -44.47
C GLY A 125 -4.76 -5.10 -44.99
N GLU A 126 -5.65 -5.58 -44.11
CA GLU A 126 -6.96 -6.09 -44.50
C GLU A 126 -8.06 -5.50 -43.61
N LYS A 127 -9.29 -5.47 -44.13
CA LYS A 127 -10.48 -5.02 -43.40
C LYS A 127 -10.79 -6.14 -42.40
N LYS A 128 -11.00 -5.79 -41.14
CA LYS A 128 -11.27 -6.77 -40.11
C LYS A 128 -12.44 -6.29 -39.24
N GLU A 129 -13.33 -7.23 -38.87
CA GLU A 129 -14.53 -6.94 -38.11
C GLU A 129 -14.52 -7.57 -36.73
N PHE A 130 -14.97 -6.79 -35.74
CA PHE A 130 -15.04 -7.21 -34.35
C PHE A 130 -16.37 -6.89 -33.71
N HIS A 131 -16.82 -7.77 -32.80
CA HIS A 131 -17.97 -7.53 -31.94
C HIS A 131 -17.36 -6.80 -30.73
N ALA A 132 -18.15 -5.97 -30.05
CA ALA A 132 -17.68 -5.20 -28.89
C ALA A 132 -17.06 -6.10 -27.82
N GLU A 133 -17.63 -7.32 -27.60
CA GLU A 133 -17.07 -8.26 -26.62
C GLU A 133 -15.68 -8.78 -26.99
N GLU A 134 -15.35 -8.80 -28.29
CA GLU A 134 -14.01 -9.22 -28.78
C GLU A 134 -13.00 -8.14 -28.43
N ILE A 135 -13.43 -6.85 -28.48
CA ILE A 135 -12.58 -5.72 -28.08
C ILE A 135 -12.37 -5.72 -26.56
N SER A 136 -13.44 -5.92 -25.77
CA SER A 136 -13.31 -6.00 -24.31
C SER A 136 -12.52 -7.23 -23.87
N ALA A 137 -12.59 -8.28 -24.68
CA ALA A 137 -11.85 -9.53 -24.44
C ALA A 137 -10.34 -9.27 -24.49
N MET A 138 -9.88 -8.38 -25.38
CA MET A 138 -8.48 -7.98 -25.57
C MET A 138 -8.00 -7.15 -24.38
N VAL A 139 -8.87 -6.27 -23.83
CA VAL A 139 -8.59 -5.49 -22.63
C VAL A 139 -8.47 -6.49 -21.46
N LEU A 140 -9.43 -7.48 -21.37
CA LEU A 140 -9.39 -8.49 -20.30
C LEU A 140 -8.16 -9.39 -20.40
N GLN A 141 -7.80 -9.81 -21.65
CA GLN A 141 -6.60 -10.57 -21.98
C GLN A 141 -5.33 -9.85 -21.47
N LYS A 142 -5.29 -8.52 -21.62
CA LYS A 142 -4.20 -7.68 -21.15
C LYS A 142 -4.18 -7.62 -19.59
N MET A 143 -5.36 -7.57 -18.96
CA MET A 143 -5.48 -7.55 -17.49
C MET A 143 -4.99 -8.87 -16.89
N LYS A 144 -5.19 -9.98 -17.63
CA LYS A 144 -4.75 -11.32 -17.27
C LYS A 144 -3.21 -11.40 -17.39
N GLU A 145 -2.64 -10.88 -18.49
CA GLU A 145 -1.20 -10.89 -18.75
C GLU A 145 -0.41 -10.10 -17.74
N ILE A 146 -0.90 -8.94 -17.32
CA ILE A 146 -0.20 -8.10 -16.34
C ILE A 146 -0.22 -8.75 -14.98
N SER A 147 -1.30 -9.50 -14.69
CA SER A 147 -1.47 -10.27 -13.45
C SER A 147 -0.52 -11.47 -13.47
N GLU A 148 -0.45 -12.20 -14.58
CA GLU A 148 0.43 -13.34 -14.71
C GLU A 148 1.88 -12.95 -14.52
N ALA A 149 2.33 -11.84 -15.15
CA ALA A 149 3.70 -11.34 -15.00
C ALA A 149 3.95 -10.92 -13.53
N TYR A 150 2.99 -10.20 -12.90
CA TYR A 150 3.10 -9.73 -11.52
C TYR A 150 3.10 -10.86 -10.48
N LEU A 151 2.26 -11.89 -10.68
CA LEU A 151 2.11 -13.01 -9.73
C LEU A 151 2.97 -14.20 -10.06
N GLY A 152 3.67 -14.13 -11.20
CA GLY A 152 4.57 -15.17 -11.69
C GLY A 152 3.92 -16.51 -11.94
N ARG A 153 2.63 -16.51 -12.33
CA ARG A 153 1.89 -17.75 -12.59
C ARG A 153 0.63 -17.51 -13.40
N GLN A 154 0.10 -18.59 -13.99
CA GLN A 154 -1.12 -18.53 -14.78
C GLN A 154 -2.31 -18.12 -13.90
N ILE A 155 -3.13 -17.21 -14.42
CA ILE A 155 -4.35 -16.76 -13.76
C ILE A 155 -5.53 -17.05 -14.68
N LYS A 156 -6.54 -17.77 -14.15
CA LYS A 156 -7.77 -18.08 -14.87
C LYS A 156 -9.01 -17.57 -14.16
N ASN A 157 -9.05 -17.61 -12.82
CA ASN A 157 -10.24 -17.20 -12.06
C ASN A 157 -10.35 -15.73 -11.83
N ALA A 158 -11.52 -15.19 -12.12
CA ALA A 158 -11.78 -13.76 -11.98
C ALA A 158 -13.22 -13.40 -11.70
N VAL A 159 -13.41 -12.28 -11.02
CA VAL A 159 -14.70 -11.60 -10.81
C VAL A 159 -14.56 -10.32 -11.68
N VAL A 160 -15.54 -10.05 -12.54
CA VAL A 160 -15.57 -8.88 -13.41
C VAL A 160 -16.74 -7.99 -12.99
N THR A 161 -16.52 -6.68 -12.94
CA THR A 161 -17.59 -5.77 -12.52
C THR A 161 -18.28 -5.14 -13.71
N VAL A 162 -19.55 -4.77 -13.54
CA VAL A 162 -20.37 -4.09 -14.56
C VAL A 162 -21.21 -2.98 -13.87
N PRO A 163 -21.74 -1.98 -14.62
CA PRO A 163 -22.64 -1.00 -13.99
C PRO A 163 -23.92 -1.70 -13.54
N ALA A 164 -24.53 -1.21 -12.46
CA ALA A 164 -25.76 -1.77 -11.90
C ALA A 164 -26.92 -1.75 -12.90
N TYR A 165 -26.89 -0.83 -13.89
CA TYR A 165 -27.96 -0.71 -14.90
C TYR A 165 -27.81 -1.65 -16.08
N PHE A 166 -26.72 -2.43 -16.12
CA PHE A 166 -26.49 -3.37 -17.22
C PHE A 166 -27.61 -4.41 -17.23
N ASN A 167 -28.18 -4.65 -18.41
CA ASN A 167 -29.23 -5.65 -18.56
C ASN A 167 -28.55 -7.05 -18.72
N ASP A 168 -29.31 -8.11 -18.91
CA ASP A 168 -28.85 -9.49 -19.08
C ASP A 168 -27.91 -9.68 -20.26
N SER A 169 -28.21 -9.02 -21.40
CA SER A 169 -27.45 -9.12 -22.66
C SER A 169 -26.06 -8.52 -22.44
N GLN A 170 -26.03 -7.37 -21.78
CA GLN A 170 -24.80 -6.65 -21.47
C GLN A 170 -23.90 -7.44 -20.53
N ARG A 171 -24.49 -8.11 -19.53
CA ARG A 171 -23.79 -8.98 -18.55
C ARG A 171 -23.25 -10.21 -19.24
N GLN A 172 -24.10 -10.83 -20.09
CA GLN A 172 -23.74 -12.02 -20.85
C GLN A 172 -22.59 -11.72 -21.80
N ALA A 173 -22.67 -10.57 -22.50
CA ALA A 173 -21.62 -10.13 -23.42
C ALA A 173 -20.30 -9.91 -22.65
N THR A 174 -20.36 -9.33 -21.44
CA THR A 174 -19.20 -9.15 -20.57
C THR A 174 -18.62 -10.53 -20.16
N LYS A 175 -19.50 -11.50 -19.78
CA LYS A 175 -19.09 -12.86 -19.41
C LYS A 175 -18.36 -13.53 -20.61
N ASP A 176 -18.91 -13.35 -21.84
CA ASP A 176 -18.35 -13.86 -23.09
C ASP A 176 -16.98 -13.20 -23.38
N ALA A 177 -16.82 -11.92 -23.06
CA ALA A 177 -15.53 -11.24 -23.22
C ALA A 177 -14.50 -11.92 -22.31
N GLY A 178 -14.93 -12.32 -21.11
CA GLY A 178 -14.11 -13.02 -20.14
C GLY A 178 -13.65 -14.37 -20.63
N ALA A 179 -14.59 -15.15 -21.20
CA ALA A 179 -14.36 -16.47 -21.80
C ALA A 179 -13.36 -16.39 -22.97
N ILE A 180 -13.58 -15.43 -23.91
CA ILE A 180 -12.70 -15.20 -25.08
C ILE A 180 -11.28 -14.90 -24.60
N ALA A 181 -11.16 -14.14 -23.49
CA ALA A 181 -9.87 -13.80 -22.87
C ALA A 181 -9.25 -14.99 -22.11
N GLY A 182 -9.97 -16.11 -21.99
CA GLY A 182 -9.45 -17.27 -21.28
C GLY A 182 -9.59 -17.20 -19.77
N LEU A 183 -10.50 -16.35 -19.32
CA LEU A 183 -10.78 -16.22 -17.90
C LEU A 183 -12.03 -17.01 -17.59
N ASN A 184 -12.05 -17.61 -16.42
CA ASN A 184 -13.20 -18.28 -15.89
C ASN A 184 -13.81 -17.17 -15.01
N VAL A 185 -14.89 -16.55 -15.48
CA VAL A 185 -15.60 -15.48 -14.76
C VAL A 185 -16.46 -16.13 -13.71
N MET A 186 -15.99 -16.10 -12.46
CA MET A 186 -16.70 -16.74 -11.35
C MET A 186 -18.03 -16.06 -11.07
N ARG A 187 -18.07 -14.73 -11.22
CA ARG A 187 -19.26 -13.92 -11.02
C ARG A 187 -19.07 -12.56 -11.68
N ILE A 188 -20.20 -11.98 -12.07
CA ILE A 188 -20.34 -10.63 -12.60
C ILE A 188 -21.04 -9.88 -11.45
N ILE A 189 -20.34 -8.93 -10.81
CA ILE A 189 -20.94 -8.14 -9.71
C ILE A 189 -21.12 -6.69 -10.17
N ASN A 190 -22.07 -5.98 -9.54
CA ASN A 190 -22.34 -4.56 -9.83
C ASN A 190 -21.22 -3.71 -9.27
N GLU A 191 -20.80 -2.67 -10.04
CA GLU A 191 -19.74 -1.75 -9.63
C GLU A 191 -20.04 -1.10 -8.28
N PRO A 192 -21.28 -0.56 -7.98
CA PRO A 192 -21.53 0.00 -6.64
C PRO A 192 -21.44 -1.05 -5.52
N THR A 193 -21.83 -2.30 -5.80
CA THR A 193 -21.74 -3.41 -4.83
C THR A 193 -20.25 -3.69 -4.52
N ALA A 194 -19.40 -3.76 -5.57
CA ALA A 194 -17.94 -3.96 -5.44
C ALA A 194 -17.35 -2.86 -4.53
N ALA A 195 -17.79 -1.61 -4.74
CA ALA A 195 -17.39 -0.44 -3.96
C ALA A 195 -17.84 -0.55 -2.48
N ALA A 196 -19.07 -1.06 -2.22
CA ALA A 196 -19.59 -1.24 -0.86
C ALA A 196 -18.79 -2.31 -0.11
N ILE A 197 -18.47 -3.39 -0.83
CA ILE A 197 -17.66 -4.52 -0.35
C ILE A 197 -16.25 -3.98 0.05
N ALA A 198 -15.63 -3.13 -0.82
CA ALA A 198 -14.32 -2.51 -0.58
C ALA A 198 -14.26 -1.79 0.77
N TYR A 199 -15.34 -1.08 1.15
CA TYR A 199 -15.49 -0.36 2.42
C TYR A 199 -16.08 -1.20 3.56
N GLY A 200 -16.33 -2.49 3.32
CA GLY A 200 -16.90 -3.43 4.29
C GLY A 200 -18.26 -3.01 4.82
N LEU A 201 -19.06 -2.35 3.96
CA LEU A 201 -20.39 -1.84 4.32
C LEU A 201 -21.44 -2.92 4.57
N ASP A 202 -21.12 -4.16 4.18
CA ASP A 202 -21.98 -5.33 4.35
C ASP A 202 -21.74 -6.00 5.71
N LYS A 203 -20.71 -5.53 6.44
CA LYS A 203 -20.29 -6.12 7.71
C LYS A 203 -20.30 -5.12 8.87
N LYS A 204 -21.31 -4.25 8.90
CA LYS A 204 -21.48 -3.21 9.91
C LYS A 204 -22.43 -3.61 11.05
N GLY A 205 -23.11 -4.74 10.90
CA GLY A 205 -24.01 -5.25 11.93
C GLY A 205 -25.43 -5.52 11.48
N THR A 206 -26.33 -5.64 12.46
CA THR A 206 -27.73 -5.93 12.22
C THR A 206 -28.46 -4.73 11.59
N GLY A 207 -29.56 -5.06 10.93
CA GLY A 207 -30.44 -4.10 10.29
C GLY A 207 -29.95 -3.54 8.96
N GLU A 208 -30.82 -2.74 8.33
CA GLU A 208 -30.58 -2.11 7.03
C GLU A 208 -29.48 -1.05 7.10
N ARG A 209 -28.56 -1.11 6.13
CA ARG A 209 -27.52 -0.10 5.96
C ARG A 209 -27.74 0.47 4.58
N ASN A 210 -28.21 1.72 4.53
CA ASN A 210 -28.47 2.48 3.30
C ASN A 210 -27.23 3.17 2.83
N VAL A 211 -26.81 2.84 1.61
CA VAL A 211 -25.58 3.33 1.01
C VAL A 211 -25.84 4.09 -0.30
N LEU A 212 -25.21 5.25 -0.44
CA LEU A 212 -25.27 5.99 -1.69
C LEU A 212 -23.90 5.95 -2.33
N ILE A 213 -23.80 5.40 -3.54
CA ILE A 213 -22.54 5.34 -4.27
C ILE A 213 -22.58 6.44 -5.32
N PHE A 214 -21.63 7.39 -5.20
CA PHE A 214 -21.49 8.55 -6.08
C PHE A 214 -20.25 8.25 -6.92
N ASP A 215 -20.49 7.73 -8.13
CA ASP A 215 -19.44 7.27 -9.02
C ASP A 215 -19.23 8.17 -10.26
N LEU A 216 -18.25 9.08 -10.17
CA LEU A 216 -17.94 9.98 -11.27
C LEU A 216 -16.64 9.54 -11.94
N GLY A 217 -16.79 8.68 -12.93
CA GLY A 217 -15.69 8.12 -13.70
C GLY A 217 -15.22 9.06 -14.80
N GLY A 218 -14.28 8.57 -15.61
CA GLY A 218 -13.68 9.29 -16.73
C GLY A 218 -14.67 9.61 -17.83
N GLY A 219 -15.62 8.71 -18.06
CA GLY A 219 -16.61 8.91 -19.10
C GLY A 219 -18.07 8.94 -18.68
N THR A 220 -18.41 8.24 -17.58
CA THR A 220 -19.80 8.14 -17.12
C THR A 220 -19.97 8.57 -15.67
N PHE A 221 -21.17 9.06 -15.32
CA PHE A 221 -21.53 9.42 -13.97
C PHE A 221 -22.70 8.54 -13.53
N ASP A 222 -22.48 7.75 -12.47
CA ASP A 222 -23.50 6.85 -11.94
C ASP A 222 -23.75 7.12 -10.48
N VAL A 223 -25.02 7.22 -10.11
CA VAL A 223 -25.41 7.30 -8.71
C VAL A 223 -26.28 6.05 -8.47
N SER A 224 -25.97 5.31 -7.40
CA SER A 224 -26.71 4.11 -7.02
C SER A 224 -27.05 4.17 -5.54
N LEU A 225 -28.28 3.79 -5.23
CA LEU A 225 -28.74 3.74 -3.86
C LEU A 225 -28.97 2.30 -3.52
N LEU A 226 -28.22 1.82 -2.54
CA LEU A 226 -28.25 0.44 -2.08
C LEU A 226 -28.75 0.32 -0.69
N THR A 227 -29.29 -0.86 -0.37
CA THR A 227 -29.65 -1.23 0.98
C THR A 227 -28.99 -2.56 1.24
N ILE A 228 -28.20 -2.62 2.31
CA ILE A 228 -27.51 -3.84 2.71
C ILE A 228 -28.14 -4.34 3.99
N GLU A 229 -28.74 -5.50 3.90
CA GLU A 229 -29.45 -6.11 5.02
C GLU A 229 -29.07 -7.57 5.05
N ASP A 230 -28.59 -8.03 6.21
CA ASP A 230 -28.15 -9.41 6.45
C ASP A 230 -27.15 -9.88 5.37
N GLY A 231 -26.29 -8.94 4.91
CA GLY A 231 -25.30 -9.17 3.87
C GLY A 231 -25.83 -9.31 2.45
N ILE A 232 -27.11 -9.01 2.24
CA ILE A 232 -27.76 -9.07 0.93
C ILE A 232 -27.85 -7.64 0.38
N PHE A 233 -27.29 -7.43 -0.81
CA PHE A 233 -27.23 -6.11 -1.45
C PHE A 233 -28.43 -5.93 -2.33
N GLU A 234 -29.19 -4.86 -2.11
CA GLU A 234 -30.37 -4.55 -2.92
C GLU A 234 -30.13 -3.23 -3.62
N VAL A 235 -30.19 -3.22 -4.96
CA VAL A 235 -30.06 -1.97 -5.70
C VAL A 235 -31.46 -1.36 -5.69
N LYS A 236 -31.69 -0.29 -4.90
CA LYS A 236 -33.03 0.31 -4.82
C LYS A 236 -33.33 1.18 -6.03
N ALA A 237 -32.33 1.95 -6.48
CA ALA A 237 -32.44 2.90 -7.60
C ALA A 237 -31.08 3.33 -8.14
N THR A 238 -31.05 3.70 -9.43
CA THR A 238 -29.87 4.15 -10.14
C THR A 238 -30.27 5.34 -10.98
N ALA A 239 -29.31 6.22 -11.20
CA ALA A 239 -29.48 7.42 -12.02
C ALA A 239 -28.08 7.92 -12.37
N GLY A 240 -28.02 8.92 -13.22
CA GLY A 240 -26.78 9.51 -13.65
C GLY A 240 -26.84 10.06 -15.05
N ASP A 241 -25.67 10.22 -15.66
CA ASP A 241 -25.52 10.74 -17.00
C ASP A 241 -24.34 9.98 -17.61
N THR A 242 -24.64 9.16 -18.64
CA THR A 242 -23.69 8.30 -19.38
C THR A 242 -22.62 9.13 -20.12
N HIS A 243 -22.89 10.43 -20.30
CA HIS A 243 -22.01 11.34 -21.00
C HIS A 243 -21.46 12.48 -20.15
N LEU A 244 -21.43 12.28 -18.86
CA LEU A 244 -20.75 13.23 -17.97
C LEU A 244 -19.67 12.41 -17.24
N GLY A 245 -18.44 12.82 -17.44
CA GLY A 245 -17.28 12.19 -16.82
C GLY A 245 -16.16 13.17 -16.66
N GLY A 246 -15.08 12.68 -16.08
CA GLY A 246 -13.86 13.45 -15.85
C GLY A 246 -13.27 14.09 -17.09
N GLU A 247 -13.37 13.39 -18.25
CA GLU A 247 -12.86 13.85 -19.53
C GLU A 247 -13.58 15.11 -20.01
N ASP A 248 -14.87 15.28 -19.63
CA ASP A 248 -15.65 16.48 -19.93
C ASP A 248 -15.10 17.71 -19.19
N PHE A 249 -14.63 17.53 -17.95
CA PHE A 249 -14.00 18.60 -17.18
C PHE A 249 -12.64 18.93 -17.83
N ASP A 250 -11.88 17.87 -18.24
CA ASP A 250 -10.58 18.04 -18.91
C ASP A 250 -10.78 18.81 -20.23
N ASN A 251 -11.89 18.49 -20.93
CA ASN A 251 -12.23 19.08 -22.21
C ASN A 251 -12.52 20.56 -22.10
N ARG A 252 -13.13 20.99 -21.01
CA ARG A 252 -13.36 22.40 -20.74
C ARG A 252 -12.03 23.15 -20.59
N LEU A 253 -11.04 22.50 -20.00
CA LEU A 253 -9.71 23.10 -19.88
C LEU A 253 -9.07 23.17 -21.25
N VAL A 254 -9.25 22.09 -22.06
CA VAL A 254 -8.74 22.02 -23.45
C VAL A 254 -9.29 23.21 -24.22
N GLU A 255 -10.63 23.40 -24.18
CA GLU A 255 -11.32 24.51 -24.86
C GLU A 255 -10.76 25.85 -24.41
N PHE A 256 -10.53 26.01 -23.09
CA PHE A 256 -9.95 27.23 -22.57
C PHE A 256 -8.57 27.48 -23.16
N CYS A 257 -7.76 26.43 -23.18
CA CYS A 257 -6.38 26.41 -23.67
C CYS A 257 -6.27 26.62 -25.16
N VAL A 258 -7.24 26.11 -25.96
CA VAL A 258 -7.30 26.31 -27.41
C VAL A 258 -7.51 27.81 -27.70
N GLN A 259 -8.55 28.38 -27.07
CA GLN A 259 -8.86 29.80 -27.16
C GLN A 259 -7.70 30.68 -26.62
N ASP A 260 -7.07 30.29 -25.52
CA ASP A 260 -5.94 31.07 -24.96
C ASP A 260 -4.73 31.08 -25.92
N PHE A 261 -4.47 29.93 -26.61
CA PHE A 261 -3.39 29.81 -27.58
C PHE A 261 -3.66 30.72 -28.78
N LYS A 262 -4.93 30.78 -29.25
CA LYS A 262 -5.38 31.60 -30.38
C LYS A 262 -5.09 33.07 -30.10
N ARG A 263 -5.46 33.57 -28.91
CA ARG A 263 -5.22 34.97 -28.61
C ARG A 263 -3.73 35.33 -28.39
N LYS A 264 -2.96 34.37 -27.90
CA LYS A 264 -1.54 34.54 -27.72
C LYS A 264 -0.81 34.38 -29.05
N ASN A 265 -1.45 33.75 -30.06
CA ASN A 265 -0.77 33.42 -31.28
C ASN A 265 -1.45 33.77 -32.56
N ARG A 266 -2.05 34.98 -32.58
CA ARG A 266 -2.67 35.59 -33.74
C ARG A 266 -3.77 34.73 -34.42
N GLY A 267 -4.65 34.14 -33.61
CA GLY A 267 -5.76 33.31 -34.09
C GLY A 267 -5.44 31.90 -34.54
N MET A 268 -4.19 31.42 -34.36
CA MET A 268 -3.80 30.05 -34.73
C MET A 268 -4.57 29.02 -33.90
N ASP A 269 -5.21 28.06 -34.62
CA ASP A 269 -6.08 27.01 -34.07
C ASP A 269 -5.38 25.64 -34.00
N LEU A 270 -4.99 25.26 -32.80
CA LEU A 270 -4.29 23.99 -32.58
C LEU A 270 -5.15 22.74 -32.78
N THR A 271 -6.51 22.86 -32.77
CA THR A 271 -7.45 21.73 -32.98
C THR A 271 -7.29 21.01 -34.32
N THR A 272 -6.63 21.64 -35.31
CA THR A 272 -6.40 21.04 -36.61
C THR A 272 -5.22 20.08 -36.58
N ASN A 273 -4.43 20.08 -35.49
CA ASN A 273 -3.32 19.12 -35.39
C ASN A 273 -3.72 18.10 -34.33
N ALA A 274 -3.98 16.87 -34.75
CA ALA A 274 -4.40 15.78 -33.85
C ALA A 274 -3.41 15.55 -32.68
N ARG A 275 -2.10 15.59 -32.95
CA ARG A 275 -1.03 15.42 -31.96
C ARG A 275 -1.00 16.57 -30.95
N ALA A 276 -1.08 17.84 -31.42
CA ALA A 276 -1.11 19.02 -30.56
C ALA A 276 -2.30 18.95 -29.59
N LEU A 277 -3.50 18.56 -30.12
CA LEU A 277 -4.73 18.44 -29.34
C LEU A 277 -4.63 17.32 -28.32
N ARG A 278 -4.04 16.17 -28.71
CA ARG A 278 -3.85 15.05 -27.79
C ARG A 278 -2.92 15.46 -26.64
N ARG A 279 -1.75 16.07 -26.98
CA ARG A 279 -0.74 16.53 -26.03
C ARG A 279 -1.35 17.47 -25.03
N LEU A 280 -2.05 18.50 -25.51
CA LEU A 280 -2.74 19.47 -24.67
C LEU A 280 -3.80 18.81 -23.78
N ARG A 281 -4.58 17.85 -24.32
CA ARG A 281 -5.58 17.12 -23.53
C ARG A 281 -4.94 16.36 -22.32
N THR A 282 -3.85 15.61 -22.57
CA THR A 282 -3.11 14.87 -21.55
C THR A 282 -2.63 15.85 -20.44
N GLN A 283 -2.15 17.04 -20.83
CA GLN A 283 -1.69 18.04 -19.88
C GLN A 283 -2.85 18.67 -19.11
N CYS A 284 -4.05 18.70 -19.71
CA CYS A 284 -5.23 19.22 -19.01
C CYS A 284 -5.75 18.21 -17.98
N GLU A 285 -5.58 16.92 -18.26
CA GLU A 285 -5.93 15.83 -17.36
C GLU A 285 -5.06 15.94 -16.11
N ARG A 286 -3.74 16.18 -16.30
CA ARG A 286 -2.72 16.36 -15.26
C ARG A 286 -2.96 17.61 -14.42
N ALA A 287 -3.29 18.74 -15.09
CA ALA A 287 -3.60 20.01 -14.44
C ALA A 287 -4.83 19.87 -13.57
N LYS A 288 -5.89 19.23 -14.09
CA LYS A 288 -7.14 18.98 -13.34
C LYS A 288 -6.82 18.20 -12.07
N ARG A 289 -5.91 17.21 -12.18
CA ARG A 289 -5.48 16.40 -11.05
C ARG A 289 -4.69 17.25 -10.03
N THR A 290 -3.86 18.19 -10.51
CA THR A 290 -3.11 19.09 -9.64
C THR A 290 -4.09 20.03 -8.90
N LEU A 291 -5.11 20.51 -9.61
CA LEU A 291 -6.13 21.42 -9.05
C LEU A 291 -7.04 20.77 -8.03
N SER A 292 -6.92 19.45 -7.85
CA SER A 292 -7.70 18.75 -6.82
C SER A 292 -6.99 18.79 -5.48
N SER A 293 -5.68 19.11 -5.47
CA SER A 293 -4.87 19.22 -4.24
C SER A 293 -4.27 20.60 -4.04
N SER A 294 -4.11 21.37 -5.13
CA SER A 294 -3.52 22.71 -5.13
C SER A 294 -4.53 23.73 -5.69
N THR A 295 -4.34 25.01 -5.40
CA THR A 295 -5.26 26.07 -5.85
C THR A 295 -4.89 26.69 -7.20
N GLN A 296 -3.81 26.17 -7.81
CA GLN A 296 -3.33 26.61 -9.12
C GLN A 296 -2.55 25.51 -9.82
N ALA A 297 -2.59 25.53 -11.14
CA ALA A 297 -1.89 24.57 -11.97
C ALA A 297 -1.28 25.27 -13.17
N THR A 298 -0.17 24.73 -13.69
CA THR A 298 0.50 25.29 -14.86
C THR A 298 0.49 24.29 -15.99
N ILE A 299 -0.09 24.68 -17.12
CA ILE A 299 -0.08 23.87 -18.33
C ILE A 299 1.06 24.45 -19.18
N GLU A 300 2.12 23.66 -19.34
CA GLU A 300 3.31 24.02 -20.08
C GLU A 300 3.60 22.95 -21.10
N LEU A 301 3.68 23.33 -22.39
CA LEU A 301 3.96 22.43 -23.51
C LEU A 301 4.90 23.07 -24.52
N ASP A 302 6.11 22.49 -24.66
CA ASP A 302 7.12 22.98 -25.61
C ASP A 302 6.76 22.46 -26.99
N SER A 303 7.01 23.28 -28.03
CA SER A 303 6.76 22.93 -29.43
C SER A 303 5.38 22.27 -29.63
N LEU A 304 4.34 22.89 -29.07
CA LEU A 304 2.98 22.38 -29.12
C LEU A 304 2.39 22.38 -30.53
N TYR A 305 2.41 23.54 -31.22
CA TYR A 305 1.86 23.70 -32.56
C TYR A 305 2.73 24.66 -33.34
N GLU A 306 3.22 24.21 -34.50
CA GLU A 306 4.11 24.98 -35.40
C GLU A 306 5.36 25.51 -34.68
N GLY A 307 5.97 24.65 -33.86
CA GLY A 307 7.18 24.96 -33.10
C GLY A 307 6.99 25.92 -31.94
N ILE A 308 5.74 26.41 -31.74
CA ILE A 308 5.40 27.38 -30.71
C ILE A 308 5.19 26.71 -29.36
N ASP A 309 5.93 27.16 -28.35
CA ASP A 309 5.79 26.69 -26.97
C ASP A 309 4.50 27.31 -26.39
N TYR A 310 3.86 26.61 -25.45
CA TYR A 310 2.66 27.13 -24.79
C TYR A 310 2.77 27.03 -23.27
N SER A 311 2.30 28.06 -22.55
CA SER A 311 2.22 28.04 -21.10
C SER A 311 1.14 28.94 -20.55
N VAL A 312 0.36 28.38 -19.66
CA VAL A 312 -0.72 29.12 -19.01
C VAL A 312 -0.82 28.64 -17.56
N ALA A 313 -1.20 29.55 -16.63
CA ALA A 313 -1.46 29.23 -15.23
C ALA A 313 -2.99 29.24 -15.09
N ILE A 314 -3.54 28.24 -14.39
CA ILE A 314 -4.99 28.13 -14.20
C ILE A 314 -5.27 27.96 -12.73
N SER A 315 -6.09 28.88 -12.18
CA SER A 315 -6.50 28.82 -10.79
C SER A 315 -7.64 27.81 -10.66
N ARG A 316 -7.85 27.30 -9.43
CA ARG A 316 -8.93 26.36 -9.10
C ARG A 316 -10.27 27.05 -9.38
N ALA A 317 -10.40 28.33 -8.99
CA ALA A 317 -11.58 29.17 -9.22
C ALA A 317 -11.92 29.29 -10.72
N ARG A 318 -10.91 29.50 -11.58
CA ARG A 318 -11.13 29.57 -13.02
C ARG A 318 -11.68 28.22 -13.53
N PHE A 319 -11.05 27.11 -13.10
CA PHE A 319 -11.46 25.77 -13.47
C PHE A 319 -12.90 25.48 -13.03
N GLU A 320 -13.24 25.89 -11.83
CA GLU A 320 -14.60 25.71 -11.30
C GLU A 320 -15.63 26.47 -12.14
N GLU A 321 -15.24 27.69 -12.58
CA GLU A 321 -16.10 28.54 -13.42
C GLU A 321 -16.29 27.92 -14.80
N LEU A 322 -15.23 27.28 -15.36
CA LEU A 322 -15.32 26.59 -16.65
C LEU A 322 -16.25 25.37 -16.61
N CYS A 323 -16.38 24.74 -15.43
CA CYS A 323 -17.17 23.53 -15.23
C CYS A 323 -18.43 23.75 -14.39
N ALA A 324 -18.87 25.01 -14.21
CA ALA A 324 -20.00 25.42 -13.39
C ALA A 324 -21.29 24.64 -13.63
N ASP A 325 -21.74 24.56 -14.91
CA ASP A 325 -22.91 23.77 -15.32
C ASP A 325 -22.78 22.28 -14.91
N TYR A 326 -21.58 21.67 -15.05
CA TYR A 326 -21.35 20.27 -14.68
C TYR A 326 -21.57 20.04 -13.18
N PHE A 327 -21.04 20.99 -12.31
CA PHE A 327 -21.22 20.95 -10.84
C PHE A 327 -22.70 21.03 -10.44
N ARG A 328 -23.50 21.82 -11.17
CA ARG A 328 -24.93 21.97 -10.96
C ARG A 328 -25.66 20.65 -11.27
N ALA A 329 -25.10 19.86 -12.20
CA ALA A 329 -25.65 18.59 -12.67
C ALA A 329 -25.37 17.32 -11.84
N THR A 330 -24.36 17.29 -10.94
CA THR A 330 -24.09 16.05 -10.19
C THR A 330 -25.08 15.76 -9.08
N LEU A 331 -25.77 16.79 -8.58
CA LEU A 331 -26.78 16.60 -7.54
C LEU A 331 -28.12 16.05 -8.03
N ALA A 332 -28.53 16.41 -9.26
CA ALA A 332 -29.80 15.93 -9.84
C ALA A 332 -29.95 14.39 -9.75
N PRO A 333 -28.96 13.55 -10.15
CA PRO A 333 -29.10 12.09 -10.00
C PRO A 333 -29.24 11.61 -8.56
N VAL A 334 -28.58 12.32 -7.61
CA VAL A 334 -28.61 12.02 -6.18
C VAL A 334 -30.04 12.23 -5.67
N GLU A 335 -30.67 13.35 -6.05
CA GLU A 335 -32.05 13.67 -5.66
C GLU A 335 -32.99 12.64 -6.31
N LYS A 336 -32.72 12.25 -7.58
CA LYS A 336 -33.54 11.29 -8.30
C LYS A 336 -33.58 9.90 -7.63
N VAL A 337 -32.40 9.33 -7.27
CA VAL A 337 -32.37 8.01 -6.63
C VAL A 337 -33.12 8.00 -5.31
N LEU A 338 -33.01 9.10 -4.54
CA LEU A 338 -33.71 9.23 -3.27
C LEU A 338 -35.22 9.27 -3.49
N LYS A 339 -35.66 10.02 -4.53
CA LYS A 339 -37.07 10.14 -4.90
C LYS A 339 -37.60 8.81 -5.40
N ASP A 340 -36.84 8.14 -6.30
CA ASP A 340 -37.25 6.85 -6.86
C ASP A 340 -37.34 5.76 -5.79
N ALA A 341 -36.45 5.76 -4.79
CA ALA A 341 -36.49 4.77 -3.71
C ALA A 341 -37.38 5.21 -2.54
N GLY A 342 -37.99 6.40 -2.66
CA GLY A 342 -38.84 6.98 -1.61
C GLY A 342 -38.10 7.06 -0.29
N MET A 343 -36.90 7.65 -0.32
CA MET A 343 -36.03 7.72 0.85
C MET A 343 -35.61 9.15 1.15
N ASP A 344 -35.54 9.48 2.44
CA ASP A 344 -35.08 10.78 2.91
C ASP A 344 -33.56 10.70 2.94
N LYS A 345 -32.86 11.81 2.62
CA LYS A 345 -31.41 11.87 2.62
C LYS A 345 -30.80 11.60 3.98
N ARG A 346 -31.57 11.89 5.06
CA ARG A 346 -31.21 11.65 6.46
C ARG A 346 -31.00 10.14 6.76
N SER A 347 -31.70 9.27 5.99
CA SER A 347 -31.66 7.81 6.09
C SER A 347 -30.38 7.19 5.47
N VAL A 348 -29.59 7.99 4.72
CA VAL A 348 -28.35 7.49 4.11
C VAL A 348 -27.29 7.31 5.22
N HIS A 349 -26.77 6.08 5.37
CA HIS A 349 -25.75 5.79 6.37
C HIS A 349 -24.38 6.08 5.82
N ASP A 350 -24.16 5.81 4.52
CA ASP A 350 -22.85 6.01 3.90
C ASP A 350 -22.93 6.63 2.52
N VAL A 351 -22.02 7.56 2.26
CA VAL A 351 -21.91 8.21 0.95
C VAL A 351 -20.51 7.84 0.42
N VAL A 352 -20.45 6.91 -0.53
CA VAL A 352 -19.18 6.39 -1.08
C VAL A 352 -18.78 7.09 -2.38
N LEU A 353 -17.55 7.63 -2.42
CA LEU A 353 -17.01 8.33 -3.57
C LEU A 353 -16.08 7.43 -4.40
N VAL A 354 -16.49 7.15 -5.66
CA VAL A 354 -15.76 6.31 -6.60
C VAL A 354 -15.47 7.19 -7.81
N GLY A 355 -14.28 7.03 -8.38
CA GLY A 355 -13.85 7.79 -9.55
C GLY A 355 -12.94 8.94 -9.19
N GLY A 356 -11.87 9.10 -9.96
CA GLY A 356 -10.87 10.16 -9.80
C GLY A 356 -11.42 11.58 -9.66
N SER A 357 -12.50 11.92 -10.41
CA SER A 357 -13.12 13.26 -10.35
C SER A 357 -13.82 13.57 -9.05
N THR A 358 -14.02 12.55 -8.17
CA THR A 358 -14.60 12.80 -6.86
C THR A 358 -13.54 13.45 -5.95
N ARG A 359 -12.25 13.47 -6.41
CA ARG A 359 -11.15 14.14 -5.71
C ARG A 359 -11.35 15.64 -5.80
N ILE A 360 -12.09 16.12 -6.83
CA ILE A 360 -12.32 17.56 -7.05
C ILE A 360 -12.99 18.18 -5.81
N PRO A 361 -12.32 19.16 -5.16
CA PRO A 361 -12.88 19.74 -3.91
C PRO A 361 -14.31 20.23 -4.00
N LYS A 362 -14.67 20.93 -5.09
CA LYS A 362 -16.02 21.45 -5.31
C LYS A 362 -17.05 20.32 -5.35
N VAL A 363 -16.69 19.18 -5.97
CA VAL A 363 -17.55 17.99 -6.07
C VAL A 363 -17.78 17.45 -4.64
N GLN A 364 -16.68 17.25 -3.86
CA GLN A 364 -16.77 16.74 -2.47
C GLN A 364 -17.59 17.65 -1.59
N ALA A 365 -17.41 18.96 -1.74
CA ALA A 365 -18.11 19.96 -0.94
C ALA A 365 -19.60 19.98 -1.26
N LEU A 366 -20.00 19.78 -2.52
CA LEU A 366 -21.42 19.77 -2.89
C LEU A 366 -22.19 18.59 -2.30
N ILE A 367 -21.59 17.40 -2.33
CA ILE A 367 -22.16 16.16 -1.80
C ILE A 367 -22.32 16.25 -0.30
N GLN A 368 -21.23 16.63 0.40
CA GLN A 368 -21.19 16.80 1.87
C GLN A 368 -22.32 17.73 2.31
N GLU A 369 -22.43 18.89 1.62
CA GLU A 369 -23.41 19.96 1.80
C GLU A 369 -24.84 19.41 1.61
N PHE A 370 -25.06 18.64 0.50
CA PHE A 370 -26.35 18.04 0.16
C PHE A 370 -26.79 17.10 1.31
N PHE A 371 -25.84 16.33 1.87
CA PHE A 371 -26.06 15.40 2.98
C PHE A 371 -25.85 16.06 4.36
N ASN A 372 -26.16 17.36 4.48
CA ASN A 372 -26.09 18.15 5.71
C ASN A 372 -24.80 17.98 6.53
N GLY A 373 -23.65 18.14 5.86
CA GLY A 373 -22.31 18.05 6.45
C GLY A 373 -21.72 16.68 6.65
N LYS A 374 -22.45 15.62 6.29
CA LYS A 374 -21.99 14.24 6.45
C LYS A 374 -20.70 13.96 5.67
N GLU A 375 -19.69 13.42 6.37
CA GLU A 375 -18.41 13.08 5.79
C GLU A 375 -18.53 11.84 4.89
N PRO A 376 -17.96 11.87 3.67
CA PRO A 376 -18.07 10.71 2.79
C PRO A 376 -17.00 9.62 3.00
N CYS A 377 -17.23 8.43 2.43
CA CYS A 377 -16.26 7.32 2.46
C CYS A 377 -15.38 7.52 1.24
N LYS A 378 -14.17 8.01 1.45
CA LYS A 378 -13.23 8.33 0.36
C LYS A 378 -11.82 7.77 0.54
N ALA A 379 -11.56 7.12 1.69
CA ALA A 379 -10.28 6.55 2.09
C ALA A 379 -9.60 5.67 1.02
N ILE A 380 -10.36 4.83 0.33
CA ILE A 380 -9.81 3.94 -0.70
C ILE A 380 -9.60 4.74 -1.98
N ASN A 381 -8.42 4.56 -2.64
CA ASN A 381 -8.13 5.24 -3.92
C ASN A 381 -9.40 5.15 -4.81
N PRO A 382 -10.02 6.31 -5.18
CA PRO A 382 -11.31 6.26 -5.91
C PRO A 382 -11.25 5.63 -7.30
N ASP A 383 -10.07 5.57 -7.91
CA ASP A 383 -9.85 4.92 -9.20
C ASP A 383 -9.63 3.39 -9.03
N GLU A 384 -9.46 2.93 -7.78
CA GLU A 384 -9.16 1.53 -7.47
C GLU A 384 -10.21 0.82 -6.62
N ALA A 385 -11.17 1.56 -6.03
CA ALA A 385 -12.19 1.01 -5.13
C ALA A 385 -13.03 -0.14 -5.72
N VAL A 386 -13.39 -0.03 -7.01
CA VAL A 386 -14.16 -1.07 -7.69
C VAL A 386 -13.31 -2.37 -7.81
N ALA A 387 -12.01 -2.23 -8.22
CA ALA A 387 -11.13 -3.41 -8.37
C ALA A 387 -10.88 -4.03 -6.99
N TYR A 388 -10.82 -3.19 -5.94
CA TYR A 388 -10.61 -3.59 -4.56
C TYR A 388 -11.74 -4.56 -4.13
N GLY A 389 -13.01 -4.12 -4.20
CA GLY A 389 -14.14 -4.99 -3.87
C GLY A 389 -14.26 -6.21 -4.79
N ALA A 390 -13.94 -6.08 -6.10
CA ALA A 390 -13.95 -7.24 -7.03
C ALA A 390 -12.89 -8.26 -6.58
N ALA A 391 -11.70 -7.79 -6.12
CA ALA A 391 -10.62 -8.66 -5.65
C ALA A 391 -11.05 -9.38 -4.36
N VAL A 392 -11.77 -8.68 -3.47
CA VAL A 392 -12.26 -9.25 -2.21
C VAL A 392 -13.26 -10.35 -2.54
N GLN A 393 -14.22 -10.06 -3.44
CA GLN A 393 -15.22 -11.02 -3.90
C GLN A 393 -14.56 -12.24 -4.58
N ALA A 394 -13.51 -12.02 -5.39
CA ALA A 394 -12.79 -13.11 -6.06
C ALA A 394 -12.09 -14.02 -5.06
N ALA A 395 -11.50 -13.47 -3.97
CA ALA A 395 -10.83 -14.27 -2.94
C ALA A 395 -11.85 -15.13 -2.17
N ILE A 396 -13.04 -14.58 -1.92
CA ILE A 396 -14.15 -15.28 -1.24
C ILE A 396 -14.61 -16.48 -2.08
N LEU A 397 -14.76 -16.31 -3.41
CA LEU A 397 -15.22 -17.37 -4.32
C LEU A 397 -14.14 -18.37 -4.73
N ASN A 398 -12.84 -18.06 -4.49
CA ASN A 398 -11.72 -18.92 -4.83
C ASN A 398 -11.44 -19.96 -3.73
N GLY B 18 7.89 -35.67 13.36
CA GLY B 18 7.10 -34.44 13.40
C GLY B 18 7.87 -33.25 13.95
N GLY B 19 7.70 -33.00 15.25
CA GLY B 19 8.36 -31.92 15.98
C GLY B 19 7.51 -30.66 16.11
N PRO B 20 7.78 -29.80 17.13
CA PRO B 20 6.99 -28.56 17.25
C PRO B 20 7.42 -27.56 16.20
N ALA B 21 6.54 -26.59 15.92
CA ALA B 21 6.81 -25.53 14.97
C ALA B 21 7.12 -24.26 15.73
N ILE B 22 8.09 -23.48 15.24
CA ILE B 22 8.49 -22.26 15.90
C ILE B 22 7.99 -20.98 15.21
N GLY B 23 7.70 -19.98 16.01
CA GLY B 23 7.33 -18.66 15.53
C GLY B 23 8.53 -17.76 15.58
N ILE B 24 8.92 -17.17 14.43
CA ILE B 24 10.11 -16.32 14.38
C ILE B 24 9.85 -14.88 14.03
N ASP B 25 10.29 -13.97 14.91
CA ASP B 25 10.24 -12.54 14.67
C ASP B 25 11.65 -12.19 14.20
N LEU B 26 11.80 -12.07 12.88
CA LEU B 26 13.08 -11.72 12.25
C LEU B 26 13.07 -10.19 12.16
N GLY B 27 13.58 -9.56 13.23
CA GLY B 27 13.58 -8.12 13.38
C GLY B 27 14.76 -7.41 12.78
N THR B 28 14.60 -6.09 12.49
CA THR B 28 15.64 -5.26 11.90
C THR B 28 16.89 -5.23 12.76
N THR B 29 16.73 -4.92 14.07
CA THR B 29 17.83 -4.84 15.03
C THR B 29 17.94 -6.11 15.95
N TYR B 30 16.81 -6.76 16.27
CA TYR B 30 16.75 -7.92 17.17
CA TYR B 30 16.81 -7.97 17.09
C TYR B 30 15.74 -8.95 16.67
N SER B 31 16.03 -10.24 16.90
CA SER B 31 15.21 -11.35 16.55
C SER B 31 14.83 -12.10 17.79
N CYS B 32 13.64 -12.71 17.74
CA CYS B 32 13.03 -13.41 18.84
C CYS B 32 12.31 -14.63 18.33
N VAL B 33 12.38 -15.75 19.07
CA VAL B 33 11.70 -16.98 18.68
C VAL B 33 10.88 -17.56 19.82
N GLY B 34 9.67 -18.00 19.48
CA GLY B 34 8.75 -18.60 20.43
C GLY B 34 8.20 -19.94 19.98
N VAL B 35 7.74 -20.76 20.96
CA VAL B 35 7.16 -22.08 20.74
C VAL B 35 5.89 -22.17 21.55
N TRP B 36 4.83 -22.64 20.93
CA TRP B 36 3.59 -22.87 21.67
C TRP B 36 3.69 -24.27 22.27
N ARG B 37 3.48 -24.38 23.60
CA ARG B 37 3.48 -25.62 24.38
C ARG B 37 2.89 -25.36 25.75
N ASN B 38 2.16 -26.35 26.29
CA ASN B 38 1.50 -26.32 27.60
C ASN B 38 0.61 -25.07 27.85
N ASP B 39 -0.28 -24.75 26.88
CA ASP B 39 -1.24 -23.62 26.92
C ASP B 39 -0.63 -22.19 26.81
N THR B 40 0.70 -22.11 26.61
CA THR B 40 1.40 -20.82 26.52
C THR B 40 2.42 -20.82 25.40
N VAL B 41 3.04 -19.66 25.19
CA VAL B 41 4.15 -19.52 24.26
C VAL B 41 5.42 -19.39 25.11
N ASP B 42 6.37 -20.27 24.89
CA ASP B 42 7.66 -20.20 25.57
C ASP B 42 8.61 -19.47 24.64
N ILE B 43 9.20 -18.36 25.11
CA ILE B 43 10.15 -17.58 24.33
C ILE B 43 11.47 -18.25 24.53
N VAL B 44 12.08 -18.67 23.44
CA VAL B 44 13.34 -19.41 23.48
C VAL B 44 14.54 -18.56 23.95
N PRO B 45 15.22 -18.98 25.02
CA PRO B 45 16.42 -18.24 25.46
C PRO B 45 17.64 -18.63 24.63
N ASN B 46 18.53 -17.66 24.34
CA ASN B 46 19.76 -17.99 23.60
C ASN B 46 20.81 -18.54 24.55
N ASP B 47 22.05 -18.78 24.11
CA ASP B 47 23.04 -19.34 25.04
C ASP B 47 23.39 -18.47 26.28
N GLN B 48 23.25 -17.13 26.18
CA GLN B 48 23.45 -16.22 27.32
C GLN B 48 22.19 -16.10 28.20
N GLY B 49 21.08 -16.71 27.78
CA GLY B 49 19.82 -16.68 28.53
C GLY B 49 18.90 -15.55 28.14
N ASN B 50 19.30 -14.76 27.12
CA ASN B 50 18.55 -13.63 26.59
C ASN B 50 17.44 -14.10 25.64
N ARG B 51 16.25 -13.51 25.80
CA ARG B 51 15.04 -13.83 25.06
C ARG B 51 14.99 -13.21 23.68
N THR B 52 15.87 -12.24 23.42
CA THR B 52 16.03 -11.61 22.11
C THR B 52 17.50 -11.70 21.72
N THR B 53 17.80 -11.73 20.40
CA THR B 53 19.14 -11.83 19.87
C THR B 53 19.39 -10.74 18.82
N PRO B 54 20.48 -9.92 18.92
CA PRO B 54 20.74 -8.90 17.87
C PRO B 54 20.81 -9.46 16.45
N SER B 55 20.20 -8.78 15.49
CA SER B 55 20.22 -9.26 14.08
C SER B 55 21.55 -8.82 13.44
N TYR B 56 22.65 -9.30 14.02
CA TYR B 56 24.02 -8.92 13.68
C TYR B 56 24.86 -10.12 13.34
N VAL B 57 25.73 -9.96 12.34
CA VAL B 57 26.65 -10.98 11.90
C VAL B 57 28.01 -10.29 11.68
N ALA B 58 29.09 -10.87 12.19
CA ALA B 58 30.42 -10.30 12.01
C ALA B 58 31.35 -11.31 11.42
N PHE B 59 32.30 -10.84 10.61
CA PHE B 59 33.28 -11.72 9.97
C PHE B 59 34.69 -11.26 10.33
N THR B 60 35.53 -12.20 10.82
CA THR B 60 36.91 -11.92 11.20
C THR B 60 37.84 -12.81 10.39
N GLU B 61 39.15 -12.75 10.66
CA GLU B 61 40.17 -13.55 10.01
C GLU B 61 40.08 -15.01 10.44
N THR B 62 39.40 -15.29 11.59
CA THR B 62 39.34 -16.66 12.12
C THR B 62 37.95 -17.22 12.38
N GLU B 63 36.93 -16.35 12.42
CA GLU B 63 35.57 -16.79 12.74
C GLU B 63 34.49 -15.85 12.26
N ARG B 64 33.24 -16.30 12.39
CA ARG B 64 32.07 -15.49 12.18
C ARG B 64 31.32 -15.50 13.52
N LEU B 65 30.70 -14.38 13.84
CA LEU B 65 29.97 -14.22 15.09
C LEU B 65 28.58 -13.78 14.75
N ILE B 66 27.58 -14.30 15.48
CA ILE B 66 26.17 -14.00 15.30
C ILE B 66 25.65 -13.43 16.62
N GLY B 67 24.70 -12.51 16.51
CA GLY B 67 24.00 -11.91 17.62
C GLY B 67 24.82 -11.08 18.59
N ASP B 68 24.74 -11.43 19.88
CA ASP B 68 25.43 -10.75 20.98
C ASP B 68 26.93 -10.59 20.77
N ALA B 69 27.64 -11.71 20.49
CA ALA B 69 29.08 -11.70 20.21
C ALA B 69 29.43 -10.80 19.01
N ALA B 70 28.54 -10.72 17.99
CA ALA B 70 28.76 -9.85 16.83
C ALA B 70 28.47 -8.40 17.20
N LYS B 71 27.38 -8.13 17.93
CA LYS B 71 27.10 -6.75 18.34
C LYS B 71 28.16 -6.22 19.30
N ASN B 72 28.68 -7.08 20.18
CA ASN B 72 29.72 -6.71 21.14
C ASN B 72 31.03 -6.12 20.50
N GLN B 73 31.29 -6.33 19.19
CA GLN B 73 32.53 -5.80 18.58
C GLN B 73 32.38 -4.88 17.38
N VAL B 74 31.19 -4.33 17.18
CA VAL B 74 30.93 -3.44 16.05
C VAL B 74 31.93 -2.24 15.91
N ALA B 75 32.27 -1.55 17.04
CA ALA B 75 33.23 -0.42 17.09
C ALA B 75 34.66 -0.87 16.70
N ARG B 76 35.07 -2.05 17.18
CA ARG B 76 36.38 -2.61 16.88
C ARG B 76 36.54 -3.11 15.42
N ASN B 77 35.47 -3.64 14.79
CA ASN B 77 35.47 -4.22 13.41
C ASN B 77 34.27 -3.66 12.59
N PRO B 78 34.21 -2.34 12.27
CA PRO B 78 33.02 -1.81 11.58
C PRO B 78 32.76 -2.31 10.16
N GLU B 79 33.83 -2.49 9.38
CA GLU B 79 33.76 -2.92 7.99
C GLU B 79 33.15 -4.30 7.77
N ASN B 80 33.37 -5.22 8.72
CA ASN B 80 32.95 -6.61 8.60
C ASN B 80 31.84 -7.05 9.55
N THR B 81 31.17 -6.09 10.19
CA THR B 81 30.03 -6.34 11.06
C THR B 81 28.83 -5.94 10.25
N VAL B 82 28.00 -6.92 9.90
CA VAL B 82 26.81 -6.68 9.11
C VAL B 82 25.61 -6.66 10.02
N PHE B 83 24.73 -5.68 9.76
CA PHE B 83 23.47 -5.47 10.46
C PHE B 83 22.51 -4.79 9.47
N ASP B 84 21.21 -4.62 9.84
CA ASP B 84 20.20 -3.96 9.00
C ASP B 84 19.98 -4.68 7.64
N ALA B 85 20.23 -6.00 7.57
CA ALA B 85 20.04 -6.76 6.32
C ALA B 85 18.56 -6.78 5.90
N LYS B 86 17.66 -6.56 6.86
CA LYS B 86 16.21 -6.47 6.67
C LYS B 86 15.84 -5.24 5.77
N ARG B 87 16.67 -4.21 5.78
CA ARG B 87 16.48 -2.98 4.97
C ARG B 87 16.92 -3.21 3.51
N LEU B 88 17.71 -4.27 3.27
CA LEU B 88 18.28 -4.62 1.99
C LEU B 88 17.58 -5.78 1.30
N ILE B 89 17.03 -6.71 2.09
CA ILE B 89 16.37 -7.94 1.65
C ILE B 89 15.24 -7.72 0.63
N GLY B 90 15.34 -8.41 -0.50
CA GLY B 90 14.40 -8.35 -1.62
C GLY B 90 14.34 -7.02 -2.36
N ARG B 91 15.30 -6.12 -2.07
CA ARG B 91 15.35 -4.81 -2.72
C ARG B 91 16.42 -4.80 -3.82
N LYS B 92 16.38 -3.76 -4.66
CA LYS B 92 17.35 -3.63 -5.74
C LYS B 92 18.36 -2.58 -5.37
N PHE B 93 19.59 -2.72 -5.89
CA PHE B 93 20.71 -1.83 -5.58
C PHE B 93 20.39 -0.35 -5.80
N ASP B 94 19.73 -0.04 -6.94
CA ASP B 94 19.36 1.30 -7.39
C ASP B 94 18.18 1.92 -6.64
N ASP B 95 17.53 1.15 -5.75
CA ASP B 95 16.39 1.62 -4.98
C ASP B 95 16.82 2.77 -4.08
N GLN B 96 15.96 3.81 -4.01
CA GLN B 96 16.15 5.03 -3.25
C GLN B 96 16.46 4.74 -1.76
N ALA B 97 15.68 3.86 -1.13
CA ALA B 97 15.90 3.51 0.27
C ALA B 97 17.25 2.81 0.48
N VAL B 98 17.69 2.01 -0.50
CA VAL B 98 18.98 1.31 -0.46
C VAL B 98 20.16 2.30 -0.54
N GLN B 99 20.15 3.21 -1.57
CA GLN B 99 21.20 4.21 -1.72
C GLN B 99 21.30 5.13 -0.50
N SER B 100 20.15 5.48 0.08
CA SER B 100 20.09 6.33 1.27
C SER B 100 20.66 5.60 2.50
N ASP B 101 20.22 4.34 2.73
CA ASP B 101 20.67 3.50 3.84
C ASP B 101 22.15 3.25 3.80
N MET B 102 22.68 3.00 2.58
CA MET B 102 24.11 2.75 2.31
C MET B 102 25.05 3.81 2.86
N THR B 103 24.60 5.07 2.91
CA THR B 103 25.39 6.22 3.40
C THR B 103 25.63 6.14 4.93
N HIS B 104 24.86 5.34 5.65
CA HIS B 104 24.96 5.17 7.10
C HIS B 104 25.50 3.81 7.52
N TRP B 105 25.98 3.01 6.56
CA TRP B 105 26.53 1.68 6.85
C TRP B 105 28.03 1.66 6.69
N PRO B 106 28.77 1.15 7.70
CA PRO B 106 30.24 1.09 7.58
C PRO B 106 30.69 -0.06 6.69
N PHE B 107 29.79 -1.02 6.41
CA PHE B 107 30.08 -2.16 5.54
C PHE B 107 29.78 -1.81 4.08
N LYS B 108 30.52 -2.45 3.16
CA LYS B 108 30.43 -2.24 1.72
C LYS B 108 29.27 -2.96 1.08
N VAL B 109 28.48 -2.21 0.30
CA VAL B 109 27.36 -2.73 -0.48
C VAL B 109 27.66 -2.34 -1.92
N VAL B 110 27.74 -3.34 -2.81
CA VAL B 110 28.00 -3.12 -4.24
C VAL B 110 26.87 -3.68 -5.12
N ARG B 111 26.82 -3.23 -6.38
CA ARG B 111 25.82 -3.68 -7.35
C ARG B 111 26.24 -5.04 -7.92
N GLY B 112 25.33 -5.99 -7.81
CA GLY B 112 25.54 -7.32 -8.36
C GLY B 112 24.77 -7.54 -9.65
N PRO B 113 24.93 -8.72 -10.30
CA PRO B 113 24.15 -8.99 -11.54
C PRO B 113 22.65 -8.95 -11.24
N LYS B 114 21.84 -8.47 -12.21
CA LYS B 114 20.39 -8.29 -12.10
C LYS B 114 20.05 -7.20 -11.06
N ASP B 115 21.01 -6.29 -10.84
CA ASP B 115 21.00 -5.14 -9.92
C ASP B 115 20.64 -5.49 -8.47
N LYS B 116 21.16 -6.61 -8.00
CA LYS B 116 20.94 -7.10 -6.64
C LYS B 116 22.04 -6.57 -5.71
N PRO B 117 21.70 -6.03 -4.52
CA PRO B 117 22.73 -5.53 -3.61
C PRO B 117 23.63 -6.64 -3.09
N ILE B 118 24.92 -6.42 -3.18
CA ILE B 118 25.90 -7.40 -2.71
C ILE B 118 26.66 -6.82 -1.53
N ILE B 119 26.60 -7.52 -0.40
CA ILE B 119 27.35 -7.14 0.79
C ILE B 119 28.76 -7.76 0.63
N SER B 120 29.78 -6.91 0.65
CA SER B 120 31.18 -7.33 0.51
C SER B 120 31.90 -7.07 1.84
N VAL B 121 32.47 -8.14 2.43
CA VAL B 121 33.24 -8.11 3.68
C VAL B 121 34.56 -8.91 3.49
N ASN B 122 35.42 -8.89 4.52
CA ASN B 122 36.61 -9.71 4.60
C ASN B 122 36.32 -10.81 5.62
N TYR B 123 36.52 -12.08 5.21
CA TYR B 123 36.21 -13.23 6.03
C TYR B 123 37.27 -14.29 5.82
N LEU B 124 37.93 -14.71 6.91
CA LEU B 124 38.98 -15.73 6.89
C LEU B 124 40.10 -15.36 5.89
N GLY B 125 40.54 -14.10 5.95
CA GLY B 125 41.60 -13.54 5.12
C GLY B 125 41.30 -13.38 3.64
N GLU B 126 40.04 -13.53 3.22
CA GLU B 126 39.62 -13.37 1.83
C GLU B 126 38.39 -12.46 1.71
N LYS B 127 38.22 -11.82 0.54
CA LYS B 127 37.06 -11.00 0.22
C LYS B 127 35.91 -11.97 -0.01
N LYS B 128 34.76 -11.74 0.63
CA LYS B 128 33.62 -12.63 0.51
C LYS B 128 32.36 -11.82 0.29
N GLU B 129 31.47 -12.31 -0.58
CA GLU B 129 30.23 -11.64 -0.94
C GLU B 129 28.98 -12.36 -0.50
N PHE B 130 28.01 -11.60 0.00
CA PHE B 130 26.73 -12.11 0.47
C PHE B 130 25.56 -11.31 -0.05
N HIS B 131 24.44 -12.01 -0.30
CA HIS B 131 23.16 -11.41 -0.61
C HIS B 131 22.53 -11.19 0.78
N ALA B 132 21.67 -10.17 0.91
CA ALA B 132 21.01 -9.87 2.19
C ALA B 132 20.30 -11.09 2.80
N GLU B 133 19.68 -11.94 1.95
CA GLU B 133 18.98 -13.15 2.44
C GLU B 133 19.93 -14.20 3.02
N GLU B 134 21.22 -14.19 2.60
CA GLU B 134 22.23 -15.09 3.15
C GLU B 134 22.61 -14.62 4.58
N ILE B 135 22.60 -13.29 4.80
CA ILE B 135 22.85 -12.72 6.14
C ILE B 135 21.65 -13.02 7.07
N SER B 136 20.42 -12.83 6.57
CA SER B 136 19.22 -13.13 7.39
C SER B 136 19.09 -14.64 7.65
N ALA B 137 19.63 -15.48 6.76
CA ALA B 137 19.67 -16.93 6.91
C ALA B 137 20.49 -17.33 8.11
N MET B 138 21.60 -16.63 8.33
CA MET B 138 22.51 -16.84 9.48
C MET B 138 21.82 -16.49 10.79
N VAL B 139 21.03 -15.41 10.79
CA VAL B 139 20.25 -15.01 11.96
C VAL B 139 19.16 -16.10 12.16
N LEU B 140 18.49 -16.57 11.06
CA LEU B 140 17.45 -17.60 11.17
C LEU B 140 18.02 -18.95 11.62
N GLN B 141 19.19 -19.35 11.09
CA GLN B 141 19.89 -20.56 11.50
C GLN B 141 20.21 -20.49 13.02
N LYS B 142 20.60 -19.28 13.51
CA LYS B 142 20.87 -19.10 14.94
C LYS B 142 19.57 -19.30 15.75
N MET B 143 18.44 -18.79 15.22
CA MET B 143 17.13 -18.95 15.88
C MET B 143 16.69 -20.42 15.94
N LYS B 144 17.07 -21.20 14.91
CA LYS B 144 16.80 -22.62 14.79
C LYS B 144 17.68 -23.39 15.82
N GLU B 145 18.97 -23.07 15.91
CA GLU B 145 19.91 -23.69 16.84
C GLU B 145 19.52 -23.51 18.30
N ILE B 146 19.07 -22.30 18.67
CA ILE B 146 18.71 -22.04 20.07
C ILE B 146 17.46 -22.80 20.45
N SER B 147 16.57 -23.01 19.45
CA SER B 147 15.33 -23.77 19.57
C SER B 147 15.65 -25.25 19.73
N GLU B 148 16.54 -25.77 18.87
CA GLU B 148 16.96 -27.16 18.93
C GLU B 148 17.58 -27.52 20.27
N ALA B 149 18.49 -26.66 20.79
CA ALA B 149 19.08 -26.89 22.11
C ALA B 149 18.00 -26.84 23.22
N TYR B 150 17.09 -25.87 23.16
CA TYR B 150 16.03 -25.68 24.15
C TYR B 150 14.98 -26.82 24.15
N LEU B 151 14.58 -27.30 22.96
CA LEU B 151 13.57 -28.36 22.81
C LEU B 151 14.16 -29.75 22.71
N GLY B 152 15.49 -29.84 22.67
CA GLY B 152 16.23 -31.11 22.62
C GLY B 152 15.93 -31.95 21.40
N ARG B 153 15.66 -31.31 20.25
CA ARG B 153 15.34 -32.02 19.00
C ARG B 153 15.43 -31.11 17.79
N GLN B 154 15.53 -31.71 16.60
CA GLN B 154 15.57 -30.99 15.35
C GLN B 154 14.27 -30.21 15.12
N ILE B 155 14.41 -28.96 14.67
CA ILE B 155 13.27 -28.10 14.35
C ILE B 155 13.38 -27.66 12.91
N LYS B 156 12.32 -27.89 12.11
CA LYS B 156 12.27 -27.48 10.72
C LYS B 156 11.10 -26.56 10.38
N ASN B 157 9.93 -26.77 11.00
CA ASN B 157 8.75 -25.96 10.70
C ASN B 157 8.71 -24.64 11.41
N ALA B 158 8.44 -23.58 10.65
CA ALA B 158 8.40 -22.23 11.19
C ALA B 158 7.47 -21.30 10.45
N VAL B 159 6.98 -20.29 11.18
CA VAL B 159 6.25 -19.14 10.67
C VAL B 159 7.22 -17.97 10.91
N VAL B 160 7.48 -17.16 9.88
CA VAL B 160 8.38 -16.01 9.96
C VAL B 160 7.55 -14.75 9.71
N THR B 161 7.79 -13.70 10.50
CA THR B 161 7.02 -12.48 10.33
C THR B 161 7.78 -11.47 9.49
N VAL B 162 7.03 -10.55 8.86
CA VAL B 162 7.58 -9.46 8.03
C VAL B 162 6.72 -8.20 8.27
N PRO B 163 7.22 -6.97 7.95
CA PRO B 163 6.36 -5.77 8.07
C PRO B 163 5.22 -5.86 7.08
N ALA B 164 4.05 -5.29 7.42
CA ALA B 164 2.86 -5.27 6.58
C ALA B 164 3.11 -4.60 5.22
N TYR B 165 4.09 -3.67 5.14
CA TYR B 165 4.43 -2.95 3.91
C TYR B 165 5.39 -3.71 2.98
N PHE B 166 5.87 -4.90 3.39
CA PHE B 166 6.78 -5.70 2.55
C PHE B 166 6.10 -6.13 1.28
N ASN B 167 6.82 -6.02 0.19
CA ASN B 167 6.29 -6.42 -1.11
C ASN B 167 6.60 -7.90 -1.36
N ASP B 168 6.19 -8.41 -2.53
CA ASP B 168 6.38 -9.80 -2.89
C ASP B 168 7.85 -10.25 -2.92
N SER B 169 8.72 -9.45 -3.56
CA SER B 169 10.17 -9.71 -3.63
C SER B 169 10.77 -9.79 -2.23
N GLN B 170 10.37 -8.89 -1.29
CA GLN B 170 10.86 -8.86 0.11
C GLN B 170 10.42 -10.09 0.90
N ARG B 171 9.16 -10.56 0.67
CA ARG B 171 8.56 -11.73 1.31
C ARG B 171 9.26 -12.96 0.77
N GLN B 172 9.46 -13.04 -0.56
CA GLN B 172 10.15 -14.15 -1.23
C GLN B 172 11.59 -14.27 -0.75
N ALA B 173 12.29 -13.14 -0.63
CA ALA B 173 13.67 -13.13 -0.11
C ALA B 173 13.71 -13.61 1.34
N THR B 174 12.69 -13.24 2.16
CA THR B 174 12.57 -13.73 3.54
C THR B 174 12.35 -15.25 3.56
N LYS B 175 11.45 -15.77 2.66
CA LYS B 175 11.16 -17.19 2.51
C LYS B 175 12.47 -17.94 2.13
N ASP B 176 13.26 -17.36 1.20
CA ASP B 176 14.54 -17.91 0.76
C ASP B 176 15.57 -17.92 1.90
N ALA B 177 15.55 -16.89 2.78
CA ALA B 177 16.44 -16.85 3.95
C ALA B 177 16.09 -18.04 4.86
N GLY B 178 14.78 -18.34 4.98
CA GLY B 178 14.27 -19.47 5.75
C GLY B 178 14.76 -20.80 5.22
N ALA B 179 14.64 -21.00 3.88
CA ALA B 179 15.09 -22.19 3.17
C ALA B 179 16.62 -22.40 3.34
N ILE B 180 17.43 -21.36 3.12
CA ILE B 180 18.90 -21.39 3.28
C ILE B 180 19.25 -21.83 4.72
N ALA B 181 18.48 -21.35 5.71
CA ALA B 181 18.66 -21.72 7.11
C ALA B 181 18.16 -23.14 7.42
N GLY B 182 17.54 -23.84 6.44
CA GLY B 182 17.03 -25.18 6.65
C GLY B 182 15.67 -25.22 7.33
N LEU B 183 14.95 -24.12 7.29
CA LEU B 183 13.60 -24.08 7.84
C LEU B 183 12.60 -24.24 6.73
N ASN B 184 11.51 -24.91 7.03
CA ASN B 184 10.39 -25.04 6.15
C ASN B 184 9.47 -23.91 6.63
N VAL B 185 9.43 -22.80 5.89
CA VAL B 185 8.59 -21.65 6.21
C VAL B 185 7.16 -21.96 5.82
N MET B 186 6.35 -22.32 6.81
CA MET B 186 4.95 -22.68 6.57
C MET B 186 4.14 -21.50 6.05
N ARG B 187 4.44 -20.30 6.56
CA ARG B 187 3.78 -19.07 6.18
C ARG B 187 4.63 -17.88 6.60
N ILE B 188 4.47 -16.80 5.84
CA ILE B 188 5.02 -15.49 6.10
C ILE B 188 3.78 -14.66 6.53
N ILE B 189 3.72 -14.21 7.78
CA ILE B 189 2.61 -13.38 8.26
C ILE B 189 3.08 -11.96 8.57
N ASN B 190 2.16 -10.96 8.56
CA ASN B 190 2.47 -9.57 8.87
C ASN B 190 2.72 -9.40 10.34
N GLU B 191 3.72 -8.60 10.71
CA GLU B 191 4.07 -8.31 12.10
C GLU B 191 2.87 -7.76 12.91
N PRO B 192 2.09 -6.75 12.43
CA PRO B 192 0.93 -6.31 13.23
C PRO B 192 -0.15 -7.40 13.39
N THR B 193 -0.30 -8.29 12.38
CA THR B 193 -1.26 -9.41 12.44
C THR B 193 -0.80 -10.39 13.54
N ALA B 194 0.52 -10.73 13.56
CA ALA B 194 1.13 -11.61 14.57
C ALA B 194 0.84 -11.04 15.98
N ALA B 195 0.98 -9.71 16.14
CA ALA B 195 0.71 -9.01 17.39
C ALA B 195 -0.79 -9.08 17.80
N ALA B 196 -1.70 -8.98 16.82
CA ALA B 196 -3.16 -9.08 17.08
C ALA B 196 -3.53 -10.49 17.52
N ILE B 197 -2.89 -11.50 16.87
CA ILE B 197 -3.05 -12.92 17.17
C ILE B 197 -2.60 -13.18 18.62
N ALA B 198 -1.44 -12.62 19.03
CA ALA B 198 -0.86 -12.72 20.38
C ALA B 198 -1.87 -12.33 21.45
N TYR B 199 -2.64 -11.25 21.21
CA TYR B 199 -3.69 -10.73 22.12
C TYR B 199 -5.08 -11.34 21.88
N GLY B 200 -5.19 -12.32 20.96
CA GLY B 200 -6.45 -12.99 20.61
C GLY B 200 -7.53 -12.05 20.09
N LEU B 201 -7.10 -10.98 19.41
CA LEU B 201 -8.00 -9.96 18.86
C LEU B 201 -8.86 -10.42 17.69
N ASP B 202 -8.55 -11.61 17.14
CA ASP B 202 -9.28 -12.25 16.05
C ASP B 202 -10.43 -13.12 16.59
N LYS B 203 -10.50 -13.28 17.93
CA LYS B 203 -11.49 -14.13 18.57
C LYS B 203 -12.36 -13.39 19.60
N LYS B 204 -12.70 -12.13 19.29
CA LYS B 204 -13.52 -11.28 20.15
C LYS B 204 -14.95 -11.18 19.62
N GLY B 207 -18.79 -9.13 14.80
CA GLY B 207 -18.62 -7.92 14.00
C GLY B 207 -17.17 -7.49 13.87
N GLU B 208 -16.97 -6.30 13.26
CA GLU B 208 -15.66 -5.70 13.01
C GLU B 208 -14.93 -5.28 14.30
N ARG B 209 -13.63 -5.51 14.33
CA ARG B 209 -12.79 -5.07 15.43
C ARG B 209 -11.62 -4.28 14.84
N ASN B 210 -11.61 -2.97 15.10
CA ASN B 210 -10.57 -2.06 14.66
C ASN B 210 -9.43 -2.03 15.66
N VAL B 211 -8.24 -2.38 15.17
CA VAL B 211 -7.06 -2.48 15.98
C VAL B 211 -5.94 -1.56 15.47
N LEU B 212 -5.32 -0.81 16.40
CA LEU B 212 -4.18 0.02 16.06
C LEU B 212 -2.96 -0.59 16.69
N ILE B 213 -1.97 -0.94 15.86
CA ILE B 213 -0.72 -1.52 16.33
C ILE B 213 0.31 -0.39 16.28
N PHE B 214 0.84 -0.04 17.48
CA PHE B 214 1.83 1.00 17.68
C PHE B 214 3.13 0.25 17.97
N ASP B 215 3.94 0.09 16.91
CA ASP B 215 5.17 -0.71 16.97
C ASP B 215 6.46 0.12 16.92
N LEU B 216 7.02 0.43 18.09
CA LEU B 216 8.28 1.18 18.17
C LEU B 216 9.44 0.24 18.53
N GLY B 217 10.05 -0.33 17.50
CA GLY B 217 11.17 -1.24 17.62
C GLY B 217 12.51 -0.56 17.83
N GLY B 218 13.58 -1.35 17.78
CA GLY B 218 14.97 -0.91 17.94
C GLY B 218 15.44 0.02 16.83
N GLY B 219 14.97 -0.22 15.60
CA GLY B 219 15.36 0.62 14.46
C GLY B 219 14.26 1.31 13.70
N THR B 220 13.05 0.73 13.71
CA THR B 220 11.93 1.26 12.91
C THR B 220 10.69 1.49 13.75
N PHE B 221 9.88 2.44 13.30
CA PHE B 221 8.61 2.76 13.93
C PHE B 221 7.49 2.51 12.91
N ASP B 222 6.57 1.59 13.23
CA ASP B 222 5.46 1.23 12.36
C ASP B 222 4.15 1.40 13.07
N VAL B 223 3.21 2.06 12.43
CA VAL B 223 1.84 2.14 12.92
C VAL B 223 0.99 1.44 11.82
N SER B 224 0.13 0.49 12.25
CA SER B 224 -0.77 -0.22 11.35
C SER B 224 -2.17 -0.18 11.91
N LEU B 225 -3.13 0.03 11.01
CA LEU B 225 -4.54 0.04 11.38
C LEU B 225 -5.20 -1.12 10.70
N LEU B 226 -5.71 -2.06 11.50
CA LEU B 226 -6.40 -3.22 10.94
C LEU B 226 -7.83 -3.31 11.35
N THR B 227 -8.61 -4.02 10.53
CA THR B 227 -9.98 -4.39 10.85
C THR B 227 -9.98 -5.92 10.86
N ILE B 228 -10.59 -6.52 11.90
CA ILE B 228 -10.75 -7.96 12.04
C ILE B 228 -12.25 -8.27 12.05
N GLU B 229 -12.65 -9.12 11.11
CA GLU B 229 -14.04 -9.49 10.92
C GLU B 229 -14.09 -10.95 10.50
N ASP B 230 -14.88 -11.77 11.23
CA ASP B 230 -15.03 -13.21 11.01
C ASP B 230 -13.65 -13.94 10.88
N GLY B 231 -12.67 -13.50 11.67
CA GLY B 231 -11.33 -14.09 11.66
C GLY B 231 -10.50 -13.71 10.44
N ILE B 232 -10.89 -12.65 9.71
CA ILE B 232 -10.17 -12.19 8.54
C ILE B 232 -9.56 -10.85 8.84
N PHE B 233 -8.26 -10.76 8.64
CA PHE B 233 -7.48 -9.57 8.86
C PHE B 233 -7.45 -8.70 7.64
N GLU B 234 -7.69 -7.42 7.84
CA GLU B 234 -7.56 -6.45 6.77
C GLU B 234 -6.63 -5.30 7.24
N VAL B 235 -5.52 -5.10 6.54
CA VAL B 235 -4.64 -3.99 6.84
C VAL B 235 -5.27 -2.80 6.11
N LYS B 236 -5.88 -1.85 6.85
CA LYS B 236 -6.53 -0.71 6.20
C LYS B 236 -5.49 0.36 5.79
N ALA B 237 -4.47 0.60 6.64
CA ALA B 237 -3.42 1.63 6.42
C ALA B 237 -2.20 1.38 7.31
N THR B 238 -1.05 1.86 6.84
CA THR B 238 0.24 1.75 7.51
C THR B 238 0.94 3.07 7.35
N ALA B 239 1.75 3.43 8.35
CA ALA B 239 2.55 4.64 8.37
C ALA B 239 3.64 4.45 9.40
N GLY B 240 4.57 5.38 9.45
CA GLY B 240 5.68 5.32 10.41
C GLY B 240 6.89 6.06 9.93
N ASP B 241 8.02 5.71 10.51
CA ASP B 241 9.32 6.29 10.21
C ASP B 241 10.32 5.13 10.36
N THR B 242 10.88 4.71 9.20
CA THR B 242 11.83 3.60 9.04
C THR B 242 13.13 3.87 9.78
N HIS B 243 13.38 5.14 10.13
CA HIS B 243 14.60 5.56 10.82
C HIS B 243 14.38 6.11 12.23
N LEU B 244 13.32 5.63 12.87
CA LEU B 244 12.98 6.01 14.23
C LEU B 244 12.85 4.74 15.04
N GLY B 245 13.72 4.58 16.02
CA GLY B 245 13.70 3.39 16.86
C GLY B 245 14.36 3.62 18.21
N GLY B 246 14.33 2.57 19.03
CA GLY B 246 14.93 2.56 20.37
C GLY B 246 16.38 2.96 20.43
N GLU B 247 17.15 2.55 19.41
CA GLU B 247 18.59 2.87 19.29
C GLU B 247 18.84 4.38 19.16
N ASP B 248 17.88 5.12 18.57
CA ASP B 248 17.97 6.58 18.46
C ASP B 248 17.86 7.25 19.86
N PHE B 249 17.05 6.68 20.76
CA PHE B 249 16.92 7.16 22.14
C PHE B 249 18.21 6.85 22.90
N ASP B 250 18.79 5.65 22.64
CA ASP B 250 20.08 5.22 23.22
C ASP B 250 21.21 6.17 22.75
N ASN B 251 21.22 6.52 21.45
CA ASN B 251 22.15 7.46 20.81
C ASN B 251 22.14 8.83 21.50
N ARG B 252 20.95 9.34 21.91
CA ARG B 252 20.79 10.61 22.64
C ARG B 252 21.46 10.57 24.03
N LEU B 253 21.37 9.42 24.76
CA LEU B 253 22.01 9.30 26.06
C LEU B 253 23.55 9.22 25.95
N VAL B 254 24.06 8.54 24.89
CA VAL B 254 25.49 8.39 24.63
C VAL B 254 26.10 9.78 24.31
N GLU B 255 25.50 10.52 23.36
CA GLU B 255 25.98 11.88 23.00
C GLU B 255 26.00 12.77 24.24
N PHE B 256 24.99 12.66 25.12
CA PHE B 256 24.93 13.43 26.36
C PHE B 256 26.15 13.10 27.23
N CYS B 257 26.43 11.79 27.42
CA CYS B 257 27.53 11.30 28.23
C CYS B 257 28.91 11.66 27.68
N VAL B 258 29.09 11.53 26.36
CA VAL B 258 30.31 11.91 25.64
C VAL B 258 30.60 13.42 25.93
N GLN B 259 29.55 14.27 25.88
CA GLN B 259 29.67 15.70 26.09
C GLN B 259 29.88 16.07 27.56
N ASP B 260 29.25 15.31 28.46
CA ASP B 260 29.40 15.50 29.90
C ASP B 260 30.84 15.17 30.36
N PHE B 261 31.44 14.12 29.77
CA PHE B 261 32.80 13.69 30.08
C PHE B 261 33.79 14.78 29.66
N LYS B 262 33.65 15.32 28.42
CA LYS B 262 34.46 16.43 27.90
C LYS B 262 34.50 17.59 28.90
N ARG B 263 33.31 18.10 29.32
CA ARG B 263 33.27 19.24 30.23
C ARG B 263 33.83 18.97 31.60
N LYS B 264 33.67 17.73 32.10
CA LYS B 264 34.23 17.32 33.38
C LYS B 264 35.73 17.09 33.24
N ASN B 265 36.20 16.74 32.03
CA ASN B 265 37.60 16.38 31.79
C ASN B 265 38.39 17.25 30.77
N ARG B 266 38.24 18.59 30.86
CA ARG B 266 38.94 19.63 30.08
C ARG B 266 39.04 19.35 28.59
N GLY B 267 37.90 19.02 27.99
CA GLY B 267 37.79 18.77 26.56
C GLY B 267 38.24 17.42 26.05
N MET B 268 38.52 16.44 26.95
CA MET B 268 38.91 15.09 26.53
C MET B 268 37.74 14.40 25.86
N ASP B 269 37.92 14.10 24.58
CA ASP B 269 36.95 13.38 23.76
C ASP B 269 37.31 11.92 23.86
N LEU B 270 36.32 11.07 24.12
CA LEU B 270 36.53 9.64 24.29
C LEU B 270 36.07 8.74 23.13
N THR B 271 35.35 9.29 22.12
CA THR B 271 34.72 8.58 20.97
C THR B 271 35.70 7.83 20.07
N THR B 272 37.00 8.14 20.14
CA THR B 272 38.00 7.44 19.35
C THR B 272 38.44 6.15 20.08
N ASN B 273 37.94 5.91 21.30
CA ASN B 273 38.24 4.68 22.02
C ASN B 273 36.98 3.79 21.88
N ALA B 274 37.05 2.76 21.02
CA ALA B 274 35.92 1.87 20.74
C ALA B 274 35.38 1.21 22.01
N ARG B 275 36.28 0.79 22.91
CA ARG B 275 35.95 0.14 24.17
C ARG B 275 35.22 1.10 25.12
N ALA B 276 35.69 2.34 25.22
CA ALA B 276 35.07 3.34 26.10
C ALA B 276 33.62 3.58 25.65
N LEU B 277 33.45 3.74 24.33
CA LEU B 277 32.18 4.02 23.68
C LEU B 277 31.18 2.85 23.81
N ARG B 278 31.65 1.61 23.65
CA ARG B 278 30.89 0.36 23.82
C ARG B 278 30.40 0.27 25.26
N ARG B 279 31.33 0.42 26.22
CA ARG B 279 31.04 0.37 27.66
C ARG B 279 29.98 1.38 28.03
N LEU B 280 30.12 2.60 27.49
CA LEU B 280 29.21 3.72 27.68
C LEU B 280 27.83 3.42 27.12
N ARG B 281 27.78 2.77 25.93
CA ARG B 281 26.53 2.39 25.28
C ARG B 281 25.75 1.35 26.15
N THR B 282 26.43 0.28 26.62
CA THR B 282 25.86 -0.75 27.48
C THR B 282 25.22 -0.13 28.73
N GLN B 283 25.92 0.85 29.35
CA GLN B 283 25.38 1.55 30.51
C GLN B 283 24.20 2.45 30.18
N CYS B 284 24.27 3.26 29.09
CA CYS B 284 23.18 4.13 28.65
C CYS B 284 21.90 3.37 28.35
N GLU B 285 22.04 2.20 27.71
CA GLU B 285 20.93 1.31 27.37
C GLU B 285 20.28 0.74 28.67
N ARG B 286 21.12 0.42 29.68
CA ARG B 286 20.73 -0.05 31.02
C ARG B 286 19.98 1.09 31.72
N ALA B 287 20.53 2.31 31.62
CA ALA B 287 19.95 3.54 32.15
C ALA B 287 18.55 3.83 31.54
N LYS B 288 18.38 3.63 30.21
CA LYS B 288 17.10 3.83 29.52
C LYS B 288 16.03 2.86 30.07
N ARG B 289 16.43 1.59 30.27
CA ARG B 289 15.62 0.53 30.82
C ARG B 289 15.19 0.88 32.27
N THR B 290 16.15 1.31 33.12
CA THR B 290 15.95 1.70 34.52
C THR B 290 14.94 2.84 34.63
N LEU B 291 15.05 3.82 33.71
CA LEU B 291 14.16 4.98 33.63
C LEU B 291 12.69 4.64 33.26
N SER B 292 12.42 3.41 32.78
CA SER B 292 11.06 2.98 32.48
C SER B 292 10.32 2.49 33.77
N SER B 293 11.07 2.33 34.88
CA SER B 293 10.51 1.88 36.17
C SER B 293 10.85 2.84 37.32
N SER B 294 11.97 3.56 37.20
CA SER B 294 12.47 4.52 38.18
C SER B 294 12.53 5.93 37.58
N THR B 295 12.57 6.96 38.45
CA THR B 295 12.63 8.35 37.99
C THR B 295 14.08 8.88 37.90
N GLN B 296 15.08 8.01 38.23
CA GLN B 296 16.52 8.32 38.22
C GLN B 296 17.34 7.09 37.86
N ALA B 297 18.47 7.30 37.18
CA ALA B 297 19.42 6.22 36.82
C ALA B 297 20.82 6.76 36.97
N THR B 298 21.78 5.86 37.21
CA THR B 298 23.17 6.24 37.39
C THR B 298 24.02 5.50 36.39
N ILE B 299 24.75 6.25 35.58
CA ILE B 299 25.73 5.66 34.67
C ILE B 299 27.06 5.81 35.40
N GLU B 300 27.65 4.66 35.79
CA GLU B 300 28.92 4.60 36.50
C GLU B 300 29.87 3.67 35.77
N LEU B 301 31.06 4.18 35.44
CA LEU B 301 32.10 3.41 34.76
C LEU B 301 33.44 3.83 35.27
N ASP B 302 34.15 2.90 35.92
CA ASP B 302 35.52 3.09 36.41
C ASP B 302 36.46 3.00 35.22
N SER B 303 37.54 3.82 35.26
CA SER B 303 38.57 3.97 34.23
C SER B 303 38.01 3.87 32.81
N LEU B 304 37.05 4.77 32.50
CA LEU B 304 36.37 4.84 31.22
C LEU B 304 37.34 5.20 30.10
N TYR B 305 38.19 6.21 30.32
CA TYR B 305 39.12 6.71 29.32
C TYR B 305 40.29 7.34 30.03
N GLU B 306 41.51 6.88 29.70
CA GLU B 306 42.77 7.34 30.29
C GLU B 306 42.80 7.26 31.84
N GLY B 307 42.30 6.14 32.35
CA GLY B 307 42.22 5.86 33.79
C GLY B 307 41.20 6.68 34.55
N ILE B 308 40.48 7.59 33.85
CA ILE B 308 39.49 8.49 34.46
C ILE B 308 38.16 7.78 34.66
N ASP B 309 37.68 7.77 35.91
CA ASP B 309 36.38 7.21 36.27
C ASP B 309 35.30 8.18 35.81
N TYR B 310 34.12 7.64 35.55
CA TYR B 310 33.01 8.47 35.14
C TYR B 310 31.74 8.02 35.83
N SER B 311 30.96 9.00 36.25
CA SER B 311 29.64 8.81 36.83
C SER B 311 28.79 10.01 36.59
N VAL B 312 27.51 9.74 36.29
CA VAL B 312 26.49 10.75 36.05
C VAL B 312 25.12 10.22 36.42
N ALA B 313 24.35 11.05 37.09
CA ALA B 313 22.99 10.69 37.42
C ALA B 313 22.11 11.27 36.32
N ILE B 314 21.15 10.50 35.83
CA ILE B 314 20.24 10.94 34.78
C ILE B 314 18.81 10.74 35.24
N SER B 315 18.07 11.83 35.31
CA SER B 315 16.67 11.80 35.72
C SER B 315 15.85 11.39 34.50
N ARG B 316 14.61 10.88 34.75
CA ARG B 316 13.65 10.52 33.73
C ARG B 316 13.35 11.77 32.89
N ALA B 317 13.15 12.92 33.58
CA ALA B 317 12.87 14.24 33.00
C ALA B 317 13.99 14.66 32.03
N ARG B 318 15.27 14.49 32.42
CA ARG B 318 16.38 14.81 31.53
C ARG B 318 16.33 13.95 30.27
N PHE B 319 16.11 12.63 30.44
CA PHE B 319 16.02 11.69 29.34
C PHE B 319 14.88 12.04 28.39
N GLU B 320 13.73 12.41 28.95
CA GLU B 320 12.55 12.81 28.18
C GLU B 320 12.86 14.07 27.38
N GLU B 321 13.60 15.02 27.96
CA GLU B 321 13.98 16.27 27.30
C GLU B 321 14.94 16.01 26.17
N LEU B 322 15.87 15.02 26.34
CA LEU B 322 16.82 14.66 25.30
C LEU B 322 16.11 14.03 24.10
N CYS B 323 14.97 13.36 24.33
CA CYS B 323 14.23 12.66 23.28
C CYS B 323 12.89 13.30 22.94
N ALA B 324 12.67 14.58 23.34
CA ALA B 324 11.40 15.31 23.16
C ALA B 324 10.87 15.29 21.74
N ASP B 325 11.70 15.68 20.77
CA ASP B 325 11.37 15.68 19.34
C ASP B 325 10.92 14.26 18.87
N TYR B 326 11.59 13.19 19.34
CA TYR B 326 11.26 11.81 18.95
C TYR B 326 9.89 11.39 19.44
N PHE B 327 9.69 11.49 20.76
CA PHE B 327 8.45 11.06 21.41
C PHE B 327 7.25 11.75 20.80
N ARG B 328 7.33 13.07 20.53
CA ARG B 328 6.24 13.76 19.84
C ARG B 328 6.07 13.28 18.37
N ALA B 329 7.17 12.91 17.70
CA ALA B 329 7.10 12.44 16.30
C ALA B 329 6.28 11.12 16.13
N THR B 330 6.04 10.41 17.23
CA THR B 330 5.29 9.16 17.21
C THR B 330 3.79 9.31 16.98
N LEU B 331 3.22 10.45 17.32
CA LEU B 331 1.79 10.68 17.18
C LEU B 331 1.34 10.98 15.76
N ALA B 332 2.19 11.62 14.92
CA ALA B 332 1.84 11.97 13.54
C ALA B 332 1.47 10.75 12.66
N PRO B 333 2.24 9.61 12.62
CA PRO B 333 1.77 8.45 11.86
C PRO B 333 0.44 7.87 12.34
N VAL B 334 0.14 7.93 13.68
CA VAL B 334 -1.12 7.46 14.27
C VAL B 334 -2.28 8.25 13.65
N GLU B 335 -2.12 9.59 13.56
CA GLU B 335 -3.12 10.47 12.95
C GLU B 335 -3.23 10.16 11.46
N LYS B 336 -2.09 9.88 10.80
CA LYS B 336 -2.03 9.53 9.39
C LYS B 336 -2.82 8.26 9.03
N VAL B 337 -2.62 7.13 9.77
CA VAL B 337 -3.34 5.88 9.48
C VAL B 337 -4.83 6.05 9.64
N LEU B 338 -5.25 6.84 10.64
CA LEU B 338 -6.67 7.13 10.87
C LEU B 338 -7.24 7.93 9.71
N LYS B 339 -6.48 8.93 9.21
CA LYS B 339 -6.88 9.76 8.07
C LYS B 339 -6.91 8.94 6.80
N ASP B 340 -5.87 8.12 6.56
CA ASP B 340 -5.79 7.27 5.37
C ASP B 340 -6.92 6.24 5.32
N ALA B 341 -7.30 5.66 6.47
CA ALA B 341 -8.39 4.69 6.53
C ALA B 341 -9.76 5.34 6.73
N GLY B 342 -9.80 6.67 6.81
CA GLY B 342 -11.02 7.43 7.02
C GLY B 342 -11.75 6.94 8.25
N MET B 343 -11.03 6.89 9.38
CA MET B 343 -11.55 6.38 10.64
C MET B 343 -11.37 7.37 11.79
N ASP B 344 -12.36 7.44 12.67
CA ASP B 344 -12.33 8.28 13.87
C ASP B 344 -11.59 7.46 14.92
N LYS B 345 -10.80 8.14 15.79
CA LYS B 345 -10.06 7.48 16.87
C LYS B 345 -10.96 6.74 17.86
N ARG B 346 -12.22 7.20 18.03
CA ARG B 346 -13.23 6.56 18.89
C ARG B 346 -13.55 5.13 18.41
N SER B 347 -13.47 4.89 17.08
CA SER B 347 -13.75 3.60 16.44
C SER B 347 -12.68 2.53 16.71
N VAL B 348 -11.51 2.93 17.25
CA VAL B 348 -10.43 2.01 17.57
C VAL B 348 -10.83 1.21 18.81
N HIS B 349 -10.94 -0.12 18.68
CA HIS B 349 -11.32 -0.97 19.80
C HIS B 349 -10.10 -1.29 20.64
N ASP B 350 -8.92 -1.46 19.99
CA ASP B 350 -7.69 -1.85 20.68
C ASP B 350 -6.46 -1.10 20.21
N VAL B 351 -5.63 -0.69 21.16
CA VAL B 351 -4.37 -0.04 20.87
C VAL B 351 -3.28 -0.99 21.42
N VAL B 352 -2.58 -1.70 20.52
CA VAL B 352 -1.56 -2.68 20.88
C VAL B 352 -0.15 -2.07 20.83
N LEU B 353 0.60 -2.20 21.94
CA LEU B 353 1.97 -1.69 22.06
C LEU B 353 2.99 -2.79 21.83
N VAL B 354 3.78 -2.66 20.76
CA VAL B 354 4.84 -3.61 20.40
C VAL B 354 6.15 -2.84 20.39
N GLY B 355 7.20 -3.48 20.87
CA GLY B 355 8.52 -2.88 20.94
C GLY B 355 8.85 -2.36 22.32
N GLY B 356 10.07 -2.65 22.77
CA GLY B 356 10.62 -2.26 24.07
C GLY B 356 10.45 -0.81 24.45
N SER B 357 10.60 0.10 23.48
CA SER B 357 10.46 1.54 23.68
C SER B 357 9.07 1.98 24.02
N THR B 358 8.05 1.11 23.83
CA THR B 358 6.68 1.43 24.23
C THR B 358 6.55 1.32 25.76
N ARG B 359 7.58 0.74 26.43
CA ARG B 359 7.61 0.63 27.90
CA ARG B 359 7.55 0.65 27.90
C ARG B 359 7.91 2.01 28.50
N ILE B 360 8.49 2.94 27.67
CA ILE B 360 8.84 4.29 28.12
C ILE B 360 7.55 5.00 28.58
N PRO B 361 7.48 5.43 29.87
CA PRO B 361 6.25 6.05 30.39
C PRO B 361 5.70 7.22 29.56
N LYS B 362 6.60 8.11 29.08
CA LYS B 362 6.19 9.26 28.26
C LYS B 362 5.54 8.81 26.95
N VAL B 363 6.08 7.74 26.33
CA VAL B 363 5.52 7.19 25.10
C VAL B 363 4.11 6.66 25.38
N GLN B 364 3.93 5.85 26.47
CA GLN B 364 2.62 5.29 26.84
C GLN B 364 1.60 6.39 27.13
N ALA B 365 2.04 7.43 27.86
CA ALA B 365 1.18 8.55 28.23
C ALA B 365 0.80 9.36 26.97
N LEU B 366 1.72 9.46 26.00
CA LEU B 366 1.48 10.15 24.73
C LEU B 366 0.37 9.48 23.92
N ILE B 367 0.45 8.14 23.77
CA ILE B 367 -0.55 7.36 23.03
C ILE B 367 -1.85 7.31 23.79
N GLN B 368 -1.76 7.28 25.15
CA GLN B 368 -2.93 7.18 25.99
C GLN B 368 -3.74 8.47 25.94
N GLU B 369 -3.03 9.62 25.91
CA GLU B 369 -3.75 10.88 25.81
C GLU B 369 -4.32 11.05 24.43
N PHE B 370 -3.58 10.59 23.41
CA PHE B 370 -4.06 10.62 22.03
C PHE B 370 -5.42 9.93 21.91
N PHE B 371 -5.57 8.76 22.55
CA PHE B 371 -6.81 7.99 22.55
C PHE B 371 -7.74 8.29 23.74
N ASN B 372 -7.66 9.54 24.25
CA ASN B 372 -8.46 10.08 25.37
C ASN B 372 -8.60 9.15 26.58
N GLY B 373 -7.45 8.71 27.09
CA GLY B 373 -7.37 7.88 28.29
C GLY B 373 -7.56 6.39 28.13
N LYS B 374 -7.83 5.92 26.88
CA LYS B 374 -8.03 4.50 26.59
C LYS B 374 -6.80 3.68 26.98
N GLU B 375 -7.01 2.61 27.77
CA GLU B 375 -5.94 1.72 28.22
C GLU B 375 -5.43 0.86 27.06
N PRO B 376 -4.10 0.78 26.87
CA PRO B 376 -3.58 -0.03 25.75
C PRO B 376 -3.38 -1.52 26.10
N CYS B 377 -3.20 -2.34 25.05
CA CYS B 377 -2.91 -3.76 25.22
C CYS B 377 -1.38 -3.85 25.32
N LYS B 378 -0.88 -4.04 26.55
CA LYS B 378 0.55 -4.08 26.82
C LYS B 378 0.97 -5.27 27.70
N ALA B 379 0.03 -6.12 28.13
CA ALA B 379 0.27 -7.28 29.01
C ALA B 379 1.38 -8.23 28.53
N ILE B 380 1.46 -8.50 27.22
CA ILE B 380 2.51 -9.36 26.66
C ILE B 380 3.80 -8.56 26.53
N ASN B 381 4.93 -9.17 26.92
CA ASN B 381 6.24 -8.51 26.78
C ASN B 381 6.32 -7.86 25.36
N PRO B 382 6.48 -6.51 25.27
CA PRO B 382 6.45 -5.86 23.94
C PRO B 382 7.56 -6.25 22.97
N ASP B 383 8.67 -6.78 23.47
CA ASP B 383 9.77 -7.27 22.64
C ASP B 383 9.49 -8.69 22.14
N GLU B 384 8.46 -9.35 22.72
CA GLU B 384 8.14 -10.73 22.43
C GLU B 384 6.79 -10.96 21.75
N ALA B 385 5.91 -9.94 21.73
CA ALA B 385 4.55 -10.05 21.20
C ALA B 385 4.45 -10.55 19.76
N VAL B 386 5.36 -10.14 18.89
CA VAL B 386 5.38 -10.58 17.49
C VAL B 386 5.74 -12.08 17.42
N ALA B 387 6.77 -12.51 18.17
CA ALA B 387 7.16 -13.94 18.21
C ALA B 387 6.05 -14.78 18.81
N TYR B 388 5.32 -14.22 19.79
CA TYR B 388 4.20 -14.87 20.47
C TYR B 388 3.13 -15.22 19.43
N GLY B 389 2.71 -14.23 18.63
CA GLY B 389 1.71 -14.41 17.59
C GLY B 389 2.14 -15.34 16.48
N ALA B 390 3.42 -15.28 16.12
CA ALA B 390 4.03 -16.17 15.11
C ALA B 390 4.04 -17.60 15.63
N ALA B 391 4.34 -17.79 16.94
CA ALA B 391 4.35 -19.13 17.57
C ALA B 391 2.95 -19.72 17.59
N VAL B 392 1.93 -18.89 17.87
CA VAL B 392 0.52 -19.33 17.89
C VAL B 392 0.13 -19.78 16.48
N GLN B 393 0.45 -18.97 15.46
CA GLN B 393 0.17 -19.30 14.06
C GLN B 393 0.90 -20.58 13.64
N ALA B 394 2.16 -20.78 14.09
CA ALA B 394 2.93 -21.98 13.76
C ALA B 394 2.30 -23.24 14.38
N ALA B 395 1.77 -23.14 15.62
CA ALA B 395 1.10 -24.30 16.26
C ALA B 395 -0.22 -24.66 15.55
N ILE B 396 -0.95 -23.65 15.06
CA ILE B 396 -2.19 -23.83 14.30
C ILE B 396 -1.91 -24.58 12.97
N LEU B 397 -0.82 -24.22 12.26
CA LEU B 397 -0.44 -24.82 10.98
C LEU B 397 0.29 -26.16 11.10
N ASN B 398 0.80 -26.49 12.31
CA ASN B 398 1.53 -27.74 12.56
C ASN B 398 0.59 -28.90 12.89
S SO4 C . -17.59 2.95 -15.78
O1 SO4 C . -18.84 2.10 -15.46
O2 SO4 C . -17.20 3.68 -14.52
O3 SO4 C . -16.52 2.04 -16.27
O4 SO4 C . -17.89 3.95 -16.85
S SO4 D . -15.30 2.52 -12.76
O1 SO4 D . -16.59 2.96 -12.20
O2 SO4 D . -14.72 3.57 -13.64
O3 SO4 D . -14.35 2.24 -11.65
O4 SO4 D . -15.53 1.28 -13.56
S SO4 E . -19.84 21.40 -24.11
O1 SO4 E . -20.21 20.52 -25.22
O2 SO4 E . -20.51 22.72 -24.26
O3 SO4 E . -20.32 20.82 -22.84
O4 SO4 E . -18.33 21.56 -24.10
S SO4 F . 1.04 23.51 -3.51
O1 SO4 F . 2.09 22.47 -3.67
O2 SO4 F . -0.22 22.90 -3.05
O3 SO4 F . 1.51 24.47 -2.53
O4 SO4 F . 0.82 24.18 -4.80
MG MG G . -13.65 4.79 -16.85
S SO4 H . 10.95 -4.37 12.61
O1 SO4 H . 9.88 -4.53 11.53
O2 SO4 H . 10.35 -4.01 13.87
O3 SO4 H . 11.76 -5.65 12.70
O4 SO4 H . 11.83 -3.22 12.27
S SO4 I . 9.61 -6.15 15.54
O1 SO4 I . 9.04 -7.08 16.60
O2 SO4 I . 8.54 -5.15 15.18
O3 SO4 I . 10.86 -5.47 16.07
O4 SO4 I . 10.00 -6.95 14.31
S SO4 J . 18.27 -29.56 8.66
O1 SO4 J . 17.32 -29.56 9.80
O2 SO4 J . 17.87 -28.49 7.76
O3 SO4 J . 19.65 -29.29 9.10
O4 SO4 J . 18.25 -30.81 7.94
MG MG K . 14.28 -4.45 15.93
#